data_8VC3
#
_entry.id   8VC3
#
_cell.length_a   1.00
_cell.length_b   1.00
_cell.length_c   1.00
_cell.angle_alpha   90.00
_cell.angle_beta   90.00
_cell.angle_gamma   90.00
#
_symmetry.space_group_name_H-M   'P 1'
#
loop_
_entity.id
_entity.type
_entity.pdbx_description
1 polymer 'Kunitz-type serine protease inhibitor homolog alpha-dendrotoxin'
2 polymer 'Potassium voltage-gated channel subfamily A member 2'
3 non-polymer 'POTASSIUM ION'
#
loop_
_entity_poly.entity_id
_entity_poly.type
_entity_poly.pdbx_seq_one_letter_code
_entity_poly.pdbx_strand_id
1 'polypeptide(L)' GPRRKLCILHRNPGRCYDKIPAFYYNQKKKQCERFDWSGCGGNSNRFKTIEECRRTCIG A
2 'polypeptide(L)'
;MSAWSHPQFEKGGGSGGGSGGSAWSHPQFEKLVPRGSMTVATGDPVDEAAAHPGHPQDTYDPEADHECCERVVINISGLR
FETQLKTLAQFPETLLGDPKKRMRYFDPLRNEYFFDRNRPSFDAILYYYQSGGRLRRPVNVPLDIFSEEIRFYELGEEAM
EMFREDEGYIKEEERPLPENEFQRQVWLLFEYPESSGPARIIAIVSVMVILISIVSFCLETLPIFRDENEDMHGSGVTFH
TYSQSTIGYQQSTSFTDPFFIVETLCIIWFSFEFLVRFFACPSKAGFFTNIMNIIDIVAIIPYFITLGTELAEKPEDAQQ
GQQAMSLAILRVIRLVRVFRIFKLSRHSKGLQILGQTLKASMRELGLLIFFLFIGVILFSSAVYFAEADERDSQFPSIPD
AFWWAVVSMTTVGYGDMVPTTIGGKIVGSLCAIAGVLTIALPVPVIVSNFNYFYHRETEGEEQAQYLQVTSCPKIPSSPD
LKKSRSASTISKSDYMEIQEGVNNSNEDFREENLKTANCTLANTNYVNITKMLTDV
;
E,B,C,D
#
loop_
_chem_comp.id
_chem_comp.type
_chem_comp.name
_chem_comp.formula
K non-polymer 'POTASSIUM ION' 'K 1'
#
# COMPACT_ATOMS: atom_id res chain seq x y z
N GLY A 1 14.07 7.03 -20.39
CA GLY A 1 14.61 7.89 -19.34
C GLY A 1 13.69 7.94 -18.13
N PRO A 2 14.26 7.79 -16.93
CA PRO A 2 13.50 7.80 -15.68
C PRO A 2 13.48 9.17 -15.00
N ARG A 3 12.64 10.07 -15.48
CA ARG A 3 12.45 11.36 -14.83
C ARG A 3 11.28 11.25 -13.85
N ARG A 4 10.80 12.37 -13.33
CA ARG A 4 9.66 12.41 -12.43
C ARG A 4 8.45 11.72 -13.06
N LYS A 5 7.50 11.26 -12.25
CA LYS A 5 6.28 10.69 -12.81
C LYS A 5 5.54 11.71 -13.66
N LEU A 6 5.79 12.99 -13.38
CA LEU A 6 5.27 14.08 -14.20
C LEU A 6 5.60 13.85 -15.67
N CYS A 7 6.68 13.12 -15.94
CA CYS A 7 7.06 12.81 -17.30
C CYS A 7 6.59 11.43 -17.76
N ILE A 8 6.45 10.45 -16.87
CA ILE A 8 5.92 9.13 -17.25
C ILE A 8 4.41 9.20 -17.05
N LEU A 9 3.74 9.79 -18.03
CA LEU A 9 2.30 10.00 -17.96
C LEU A 9 1.78 10.24 -19.38
N HIS A 10 0.52 9.89 -19.60
CA HIS A 10 -0.11 10.06 -20.89
C HIS A 10 -0.96 11.33 -20.87
N ARG A 11 -1.12 11.93 -22.05
CA ARG A 11 -1.81 13.21 -22.16
C ARG A 11 -3.28 13.03 -21.81
N ASN A 12 -3.79 13.92 -20.95
CA ASN A 12 -5.19 13.91 -20.57
C ASN A 12 -5.78 15.28 -20.90
N PRO A 13 -6.54 15.39 -22.00
CA PRO A 13 -7.07 16.71 -22.38
C PRO A 13 -7.94 17.37 -21.32
N GLY A 14 -8.67 16.59 -20.54
CA GLY A 14 -9.52 17.11 -19.50
C GLY A 14 -10.97 16.80 -19.75
N ARG A 15 -11.84 17.47 -19.01
CA ARG A 15 -13.28 17.23 -19.08
C ARG A 15 -14.05 18.44 -19.59
N CYS A 16 -13.39 19.53 -19.92
CA CYS A 16 -14.03 20.73 -20.42
C CYS A 16 -14.02 20.74 -21.94
N TYR A 17 -14.40 21.86 -22.53
CA TYR A 17 -14.48 22.00 -23.99
C TYR A 17 -13.69 23.23 -24.41
N ASP A 18 -12.39 23.03 -24.66
CA ASP A 18 -11.52 24.10 -25.13
C ASP A 18 -10.32 23.47 -25.82
N LYS A 19 -9.46 24.32 -26.38
CA LYS A 19 -8.31 23.88 -27.17
C LYS A 19 -7.06 24.67 -26.75
N ILE A 20 -6.80 24.73 -25.45
CA ILE A 20 -5.65 25.46 -24.92
C ILE A 20 -4.37 24.80 -25.44
N PRO A 21 -3.50 25.54 -26.12
CA PRO A 21 -2.27 24.94 -26.69
C PRO A 21 -1.20 24.66 -25.63
N ALA A 22 -1.32 23.51 -24.97
CA ALA A 22 -0.35 23.12 -23.96
C ALA A 22 0.68 22.16 -24.57
N PHE A 23 1.72 21.88 -23.79
CA PHE A 23 2.79 21.00 -24.22
C PHE A 23 3.03 19.93 -23.17
N TYR A 24 3.06 18.68 -23.59
CA TYR A 24 3.24 17.55 -22.68
C TYR A 24 4.36 16.66 -23.18
N TYR A 25 5.08 16.05 -22.25
CA TYR A 25 6.18 15.15 -22.60
C TYR A 25 5.64 13.75 -22.85
N ASN A 26 5.79 13.28 -24.09
CA ASN A 26 5.46 11.92 -24.46
C ASN A 26 6.70 11.06 -24.32
N GLN A 27 6.62 10.04 -23.45
CA GLN A 27 7.75 9.14 -23.25
C GLN A 27 7.88 8.15 -24.40
N LYS A 28 6.76 7.75 -25.01
CA LYS A 28 6.82 6.86 -26.14
C LYS A 28 7.61 7.49 -27.30
N LYS A 29 7.37 8.77 -27.55
CA LYS A 29 8.14 9.49 -28.56
C LYS A 29 9.44 10.06 -28.00
N LYS A 30 9.67 9.94 -26.70
CA LYS A 30 10.88 10.44 -26.03
C LYS A 30 11.08 11.93 -26.29
N GLN A 31 9.99 12.68 -26.32
CA GLN A 31 10.09 14.09 -26.65
C GLN A 31 8.83 14.82 -26.23
N CYS A 32 8.89 16.15 -26.28
CA CYS A 32 7.74 16.98 -25.91
C CYS A 32 6.89 17.25 -27.14
N GLU A 33 5.58 17.17 -26.98
CA GLU A 33 4.63 17.33 -28.07
C GLU A 33 3.53 18.30 -27.67
N ARG A 34 3.03 19.04 -28.66
CA ARG A 34 1.92 19.96 -28.45
C ARG A 34 0.61 19.17 -28.38
N PHE A 35 -0.31 19.65 -27.54
CA PHE A 35 -1.61 19.03 -27.39
C PHE A 35 -2.60 20.09 -26.92
N ASP A 36 -3.88 19.74 -27.00
CA ASP A 36 -4.97 20.65 -26.65
C ASP A 36 -5.52 20.28 -25.27
N TRP A 37 -5.35 21.17 -24.31
CA TRP A 37 -5.87 21.00 -22.97
C TRP A 37 -7.23 21.68 -22.88
N SER A 38 -8.22 20.97 -22.32
CA SER A 38 -9.58 21.47 -22.27
C SER A 38 -9.77 22.59 -21.26
N GLY A 39 -8.81 22.79 -20.34
CA GLY A 39 -8.91 23.83 -19.34
C GLY A 39 -9.31 23.35 -17.97
N CYS A 40 -9.43 22.04 -17.76
CA CYS A 40 -9.74 21.51 -16.43
C CYS A 40 -9.24 20.08 -16.35
N GLY A 41 -9.13 19.59 -15.12
CA GLY A 41 -8.68 18.21 -14.93
C GLY A 41 -7.25 18.04 -15.40
N GLY A 42 -7.02 17.02 -16.23
CA GLY A 42 -5.69 16.75 -16.72
C GLY A 42 -4.83 16.07 -15.66
N ASN A 43 -3.52 16.15 -15.87
CA ASN A 43 -2.56 15.58 -14.93
C ASN A 43 -1.33 16.48 -14.89
N SER A 44 -0.36 16.10 -14.06
CA SER A 44 0.85 16.90 -13.91
C SER A 44 1.68 16.95 -15.18
N ASN A 45 1.44 16.04 -16.13
CA ASN A 45 2.14 16.05 -17.40
C ASN A 45 1.53 17.11 -18.33
N ARG A 46 1.58 18.35 -17.86
CA ARG A 46 1.05 19.49 -18.59
C ARG A 46 1.94 20.70 -18.35
N PHE A 47 2.26 21.42 -19.41
CA PHE A 47 3.11 22.59 -19.32
C PHE A 47 2.53 23.70 -20.17
N LYS A 48 2.85 24.94 -19.81
CA LYS A 48 2.41 26.10 -20.56
C LYS A 48 3.29 26.35 -21.78
N THR A 49 4.60 26.39 -21.59
CA THR A 49 5.56 26.60 -22.66
C THR A 49 6.45 25.37 -22.80
N ILE A 50 6.88 25.09 -24.03
CA ILE A 50 7.71 23.91 -24.29
C ILE A 50 9.07 24.01 -23.61
N GLU A 51 9.52 25.22 -23.30
CA GLU A 51 10.82 25.39 -22.65
C GLU A 51 10.84 24.69 -21.30
N GLU A 52 9.80 24.87 -20.48
CA GLU A 52 9.77 24.26 -19.17
C GLU A 52 9.55 22.76 -19.24
N CYS A 53 8.76 22.28 -20.20
CA CYS A 53 8.59 20.84 -20.37
C CYS A 53 9.92 20.18 -20.74
N ARG A 54 10.66 20.78 -21.68
CA ARG A 54 11.97 20.25 -22.03
C ARG A 54 12.94 20.36 -20.86
N ARG A 55 12.81 21.42 -20.06
CA ARG A 55 13.65 21.59 -18.88
C ARG A 55 13.42 20.45 -17.89
N THR A 56 12.22 20.37 -17.32
CA THR A 56 11.94 19.33 -16.32
C THR A 56 11.24 18.12 -16.93
N CYS A 57 11.69 17.63 -18.09
CA CYS A 57 11.50 16.22 -18.44
C CYS A 57 12.70 15.64 -19.17
N ILE A 58 13.68 16.47 -19.49
CA ILE A 58 14.86 16.03 -20.22
C ILE A 58 16.12 16.38 -19.44
N GLY A 59 16.31 17.68 -19.20
CA GLY A 59 17.52 18.15 -18.55
C GLY A 59 18.56 18.61 -19.56
N ARG B 175 24.58 -33.95 16.31
CA ARG B 175 25.66 -34.51 15.50
C ARG B 175 26.89 -34.79 16.36
N PRO B 176 27.55 -35.92 16.11
CA PRO B 176 28.74 -36.27 16.89
C PRO B 176 30.01 -35.78 16.21
N LEU B 177 31.07 -35.69 17.02
CA LEU B 177 32.37 -35.29 16.53
C LEU B 177 32.95 -36.38 15.63
N PRO B 178 33.85 -36.02 14.72
CA PRO B 178 34.43 -37.03 13.83
C PRO B 178 35.21 -38.11 14.56
N GLU B 179 35.80 -37.80 15.71
CA GLU B 179 36.53 -38.73 16.55
C GLU B 179 37.95 -39.03 16.06
N ASN B 180 38.44 -38.30 15.06
CA ASN B 180 39.81 -38.51 14.60
C ASN B 180 40.85 -37.81 15.46
N GLU B 181 40.42 -36.97 16.41
CA GLU B 181 41.32 -36.24 17.28
C GLU B 181 41.96 -35.05 16.57
N PHE B 182 41.81 -34.99 15.25
CA PHE B 182 42.17 -33.82 14.47
C PHE B 182 41.04 -33.34 13.58
N GLN B 183 40.25 -34.27 13.01
CA GLN B 183 39.07 -33.88 12.26
C GLN B 183 38.02 -33.29 13.19
N ARG B 184 37.89 -33.83 14.39
CA ARG B 184 36.91 -33.30 15.35
C ARG B 184 37.26 -31.88 15.75
N GLN B 185 38.54 -31.59 15.97
CA GLN B 185 38.94 -30.24 16.34
C GLN B 185 38.62 -29.24 15.25
N VAL B 186 38.92 -29.58 13.99
CA VAL B 186 38.62 -28.68 12.88
C VAL B 186 37.11 -28.52 12.71
N TRP B 187 36.36 -29.61 12.87
CA TRP B 187 34.90 -29.53 12.75
C TRP B 187 34.31 -28.64 13.82
N LEU B 188 34.80 -28.75 15.05
CA LEU B 188 34.33 -27.89 16.13
C LEU B 188 34.73 -26.43 15.88
N LEU B 189 35.93 -26.22 15.32
CA LEU B 189 36.37 -24.86 15.02
C LEU B 189 35.51 -24.21 13.95
N PHE B 190 35.13 -24.97 12.93
CA PHE B 190 34.42 -24.43 11.78
C PHE B 190 32.92 -24.67 11.84
N GLU B 191 32.40 -25.19 12.94
CA GLU B 191 30.96 -25.48 13.01
C GLU B 191 30.26 -24.79 14.17
N TYR B 192 30.90 -24.71 15.34
CA TYR B 192 30.28 -24.17 16.55
C TYR B 192 31.04 -22.94 16.99
N PRO B 193 30.59 -21.75 16.60
CA PRO B 193 31.31 -20.52 17.00
C PRO B 193 31.39 -20.32 18.49
N GLU B 194 30.38 -20.76 19.25
CA GLU B 194 30.37 -20.57 20.69
C GLU B 194 31.30 -21.54 21.42
N SER B 195 31.87 -22.52 20.71
CA SER B 195 32.72 -23.51 21.37
C SER B 195 34.01 -22.89 21.91
N SER B 196 34.63 -21.99 21.15
CA SER B 196 35.91 -21.42 21.54
C SER B 196 36.06 -20.03 20.91
N GLY B 197 37.03 -19.29 21.43
CA GLY B 197 37.35 -17.97 20.92
C GLY B 197 37.78 -17.95 19.48
N PRO B 198 38.69 -18.86 19.08
CA PRO B 198 39.02 -18.97 17.65
C PRO B 198 37.82 -19.28 16.78
N ALA B 199 36.86 -20.07 17.27
CA ALA B 199 35.65 -20.32 16.50
C ALA B 199 34.84 -19.06 16.29
N ARG B 200 34.73 -18.22 17.31
CA ARG B 200 34.05 -16.94 17.16
C ARG B 200 34.79 -16.04 16.19
N ILE B 201 36.13 -16.05 16.24
CA ILE B 201 36.93 -15.26 15.31
C ILE B 201 36.67 -15.72 13.88
N ILE B 202 36.63 -17.03 13.65
CA ILE B 202 36.38 -17.57 12.31
C ILE B 202 34.98 -17.20 11.85
N ALA B 203 34.00 -17.24 12.75
CA ALA B 203 32.64 -16.87 12.38
C ALA B 203 32.56 -15.40 11.96
N ILE B 204 33.20 -14.52 12.73
CA ILE B 204 33.20 -13.10 12.39
C ILE B 204 33.93 -12.86 11.08
N VAL B 205 35.03 -13.58 10.85
CA VAL B 205 35.77 -13.45 9.59
C VAL B 205 34.90 -13.88 8.41
N SER B 206 34.17 -14.98 8.57
CA SER B 206 33.29 -15.45 7.50
C SER B 206 32.18 -14.45 7.24
N VAL B 207 31.60 -13.87 8.29
CA VAL B 207 30.54 -12.88 8.10
C VAL B 207 31.07 -11.66 7.36
N MET B 208 32.25 -11.17 7.76
CA MET B 208 32.86 -10.02 7.10
C MET B 208 33.21 -10.33 5.66
N VAL B 209 33.70 -11.54 5.37
CA VAL B 209 34.04 -11.90 4.00
C VAL B 209 32.79 -11.97 3.14
N ILE B 210 31.70 -12.53 3.66
CA ILE B 210 30.45 -12.57 2.90
C ILE B 210 29.95 -11.16 2.62
N LEU B 211 30.00 -10.29 3.63
CA LEU B 211 29.56 -8.91 3.44
C LEU B 211 30.43 -8.19 2.41
N ILE B 212 31.74 -8.42 2.47
CA ILE B 212 32.66 -7.82 1.49
C ILE B 212 32.34 -8.31 0.09
N SER B 213 32.06 -9.61 -0.05
CA SER B 213 31.71 -10.15 -1.36
C SER B 213 30.44 -9.51 -1.89
N ILE B 214 29.42 -9.34 -1.03
CA ILE B 214 28.18 -8.72 -1.47
C ILE B 214 28.42 -7.27 -1.90
N VAL B 215 29.20 -6.54 -1.11
CA VAL B 215 29.48 -5.14 -1.44
C VAL B 215 30.24 -5.03 -2.75
N SER B 216 31.24 -5.90 -2.95
CA SER B 216 31.99 -5.86 -4.20
C SER B 216 31.12 -6.23 -5.39
N PHE B 217 30.25 -7.23 -5.23
CA PHE B 217 29.36 -7.61 -6.31
C PHE B 217 28.41 -6.47 -6.67
N CYS B 218 27.92 -5.76 -5.66
CA CYS B 218 27.00 -4.65 -5.93
C CYS B 218 27.73 -3.45 -6.55
N LEU B 219 28.97 -3.21 -6.13
CA LEU B 219 29.73 -2.07 -6.62
C LEU B 219 30.38 -2.33 -7.98
N GLU B 220 30.48 -3.58 -8.42
CA GLU B 220 31.00 -3.87 -9.75
C GLU B 220 30.14 -3.27 -10.86
N THR B 221 28.87 -2.96 -10.57
CA THR B 221 27.93 -2.49 -11.58
C THR B 221 27.87 -0.97 -11.69
N LEU B 222 28.60 -0.25 -10.85
CA LEU B 222 28.54 1.21 -10.90
C LEU B 222 29.15 1.72 -12.20
N PRO B 223 28.55 2.72 -12.83
CA PRO B 223 29.11 3.25 -14.09
C PRO B 223 30.48 3.90 -13.92
N ILE B 224 30.86 4.25 -12.69
CA ILE B 224 32.18 4.84 -12.47
C ILE B 224 33.28 3.85 -12.86
N PHE B 225 33.11 2.58 -12.50
CA PHE B 225 34.09 1.56 -12.85
C PHE B 225 33.73 0.84 -14.14
N ARG B 226 32.45 0.61 -14.40
CA ARG B 226 32.04 -0.14 -15.58
C ARG B 226 32.42 0.59 -16.86
N ASP B 227 32.18 1.90 -16.92
CA ASP B 227 32.55 2.67 -18.10
C ASP B 227 34.06 2.82 -18.21
N GLU B 228 34.74 2.99 -17.06
CA GLU B 228 36.19 3.11 -17.04
C GLU B 228 36.81 1.71 -16.95
N ASN B 229 36.64 0.96 -18.04
CA ASN B 229 37.15 -0.40 -18.12
C ASN B 229 38.31 -0.49 -19.09
N SER B 243 33.74 -8.59 -21.27
CA SER B 243 34.83 -8.77 -20.32
C SER B 243 34.50 -8.10 -18.99
N GLN B 244 34.95 -6.85 -18.82
CA GLN B 244 34.71 -6.11 -17.60
C GLN B 244 33.24 -5.69 -17.44
N SER B 245 32.43 -5.82 -18.49
CA SER B 245 31.02 -5.49 -18.43
C SER B 245 30.12 -6.73 -18.46
N THR B 246 30.49 -7.76 -19.23
CA THR B 246 29.69 -8.97 -19.29
C THR B 246 29.88 -9.84 -18.05
N ILE B 247 31.08 -9.83 -17.47
CA ILE B 247 31.35 -10.64 -16.28
C ILE B 247 31.56 -9.80 -15.03
N GLY B 248 31.83 -8.50 -15.15
CA GLY B 248 32.07 -7.65 -14.02
C GLY B 248 33.50 -7.58 -13.54
N TYR B 249 34.39 -8.39 -14.11
CA TYR B 249 35.79 -8.39 -13.73
C TYR B 249 36.60 -9.00 -14.87
N GLN B 250 37.89 -8.69 -14.88
CA GLN B 250 38.81 -9.17 -15.89
C GLN B 250 39.78 -10.17 -15.27
N GLN B 251 39.81 -11.38 -15.82
CA GLN B 251 40.68 -12.44 -15.33
C GLN B 251 42.05 -12.31 -15.97
N SER B 252 43.06 -11.99 -15.16
CA SER B 252 44.41 -11.84 -15.66
C SER B 252 45.40 -12.21 -14.56
N THR B 253 46.61 -12.60 -14.98
CA THR B 253 47.65 -12.94 -14.01
C THR B 253 48.07 -11.73 -13.19
N SER B 254 48.15 -10.55 -13.83
CA SER B 254 48.52 -9.35 -13.10
C SER B 254 47.47 -9.00 -12.05
N PHE B 255 46.19 -9.15 -12.38
CA PHE B 255 45.08 -8.88 -11.47
C PHE B 255 45.13 -7.44 -10.95
N THR B 256 45.19 -6.51 -11.89
CA THR B 256 45.22 -5.08 -11.53
C THR B 256 43.85 -4.59 -11.06
N ASP B 257 42.78 -5.22 -11.54
CA ASP B 257 41.43 -4.77 -11.19
C ASP B 257 41.14 -5.06 -9.73
N PRO B 258 40.81 -4.05 -8.91
CA PRO B 258 40.50 -4.32 -7.50
C PRO B 258 39.31 -5.24 -7.30
N PHE B 259 38.30 -5.15 -8.17
CA PHE B 259 37.12 -6.00 -8.02
C PHE B 259 37.48 -7.48 -8.19
N PHE B 260 38.33 -7.79 -9.17
CA PHE B 260 38.74 -9.17 -9.37
C PHE B 260 39.57 -9.66 -8.19
N ILE B 261 40.42 -8.80 -7.62
CA ILE B 261 41.21 -9.19 -6.46
C ILE B 261 40.30 -9.52 -5.28
N VAL B 262 39.32 -8.65 -5.03
CA VAL B 262 38.39 -8.89 -3.92
C VAL B 262 37.60 -10.17 -4.14
N GLU B 263 37.11 -10.37 -5.37
CA GLU B 263 36.35 -11.58 -5.67
C GLU B 263 37.21 -12.83 -5.54
N THR B 264 38.47 -12.76 -5.98
CA THR B 264 39.37 -13.90 -5.84
C THR B 264 39.60 -14.23 -4.38
N LEU B 265 39.82 -13.21 -3.54
CA LEU B 265 40.01 -13.47 -2.11
C LEU B 265 38.76 -14.08 -1.49
N CYS B 266 37.58 -13.55 -1.83
CA CYS B 266 36.34 -14.09 -1.27
C CYS B 266 36.11 -15.53 -1.72
N ILE B 267 36.35 -15.81 -3.00
CA ILE B 267 36.14 -17.18 -3.50
C ILE B 267 37.16 -18.13 -2.91
N ILE B 268 38.39 -17.66 -2.70
CA ILE B 268 39.40 -18.50 -2.06
C ILE B 268 38.98 -18.85 -0.63
N TRP B 269 38.49 -17.86 0.11
CA TRP B 269 38.02 -18.15 1.46
C TRP B 269 36.83 -19.11 1.45
N PHE B 270 35.89 -18.90 0.52
CA PHE B 270 34.72 -19.78 0.45
C PHE B 270 35.13 -21.20 0.11
N SER B 271 36.05 -21.36 -0.84
CA SER B 271 36.52 -22.69 -1.23
C SER B 271 37.26 -23.37 -0.09
N PHE B 272 38.10 -22.62 0.63
CA PHE B 272 38.80 -23.20 1.76
C PHE B 272 37.83 -23.66 2.85
N GLU B 273 36.83 -22.82 3.16
CA GLU B 273 35.85 -23.19 4.16
C GLU B 273 35.04 -24.42 3.72
N PHE B 274 34.63 -24.45 2.46
CA PHE B 274 33.87 -25.59 1.96
C PHE B 274 34.69 -26.87 2.00
N LEU B 275 35.97 -26.78 1.60
CA LEU B 275 36.83 -27.96 1.63
C LEU B 275 37.04 -28.45 3.05
N VAL B 276 37.23 -27.54 4.00
CA VAL B 276 37.39 -27.93 5.40
C VAL B 276 36.13 -28.61 5.91
N ARG B 277 34.97 -28.04 5.61
CA ARG B 277 33.72 -28.62 6.09
C ARG B 277 33.42 -29.97 5.44
N PHE B 278 33.79 -30.14 4.16
CA PHE B 278 33.55 -31.41 3.49
C PHE B 278 34.53 -32.48 3.91
N PHE B 279 35.77 -32.10 4.25
CA PHE B 279 36.76 -33.07 4.72
C PHE B 279 36.59 -33.39 6.20
N ALA B 280 35.91 -32.53 6.97
CA ALA B 280 35.68 -32.78 8.38
C ALA B 280 34.24 -33.20 8.68
N CYS B 281 33.41 -33.37 7.66
CA CYS B 281 32.04 -33.80 7.89
C CYS B 281 32.01 -35.27 8.27
N PRO B 282 31.42 -35.64 9.42
CA PRO B 282 31.39 -37.06 9.79
C PRO B 282 30.68 -37.95 8.79
N SER B 283 29.63 -37.44 8.16
CA SER B 283 28.83 -38.21 7.20
C SER B 283 28.91 -37.50 5.84
N LYS B 284 29.91 -37.87 5.05
CA LYS B 284 30.06 -37.27 3.72
C LYS B 284 28.90 -37.66 2.80
N ALA B 285 28.23 -38.79 3.07
CA ALA B 285 27.10 -39.19 2.26
C ALA B 285 25.93 -38.22 2.42
N GLY B 286 25.67 -37.79 3.66
CA GLY B 286 24.61 -36.83 3.94
C GLY B 286 25.04 -35.39 3.91
N PHE B 287 26.28 -35.10 3.51
CA PHE B 287 26.77 -33.73 3.48
C PHE B 287 26.06 -32.90 2.41
N PHE B 288 25.82 -33.47 1.24
CA PHE B 288 25.25 -32.74 0.13
C PHE B 288 23.74 -32.60 0.21
N THR B 289 23.09 -33.27 1.16
CA THR B 289 21.65 -33.15 1.31
C THR B 289 21.26 -31.83 1.96
N ASN B 290 22.09 -31.30 2.85
CA ASN B 290 21.78 -30.07 3.56
C ASN B 290 21.73 -28.89 2.60
N ILE B 291 20.72 -28.04 2.76
CA ILE B 291 20.59 -26.87 1.91
C ILE B 291 21.70 -25.86 2.19
N MET B 292 22.24 -25.86 3.42
CA MET B 292 23.29 -24.91 3.77
C MET B 292 24.58 -25.17 3.01
N ASN B 293 24.83 -26.42 2.59
CA ASN B 293 25.99 -26.73 1.76
C ASN B 293 25.69 -26.57 0.28
N ILE B 294 24.44 -26.78 -0.13
CA ILE B 294 24.04 -26.45 -1.50
C ILE B 294 24.22 -24.96 -1.74
N ILE B 295 23.95 -24.14 -0.72
CA ILE B 295 24.17 -22.70 -0.85
C ILE B 295 25.65 -22.41 -1.10
N ASP B 296 26.53 -23.07 -0.36
CA ASP B 296 27.97 -22.86 -0.56
C ASP B 296 28.40 -23.29 -1.95
N ILE B 297 27.92 -24.45 -2.41
CA ILE B 297 28.29 -24.92 -3.74
C ILE B 297 27.80 -23.96 -4.82
N VAL B 298 26.57 -23.45 -4.67
CA VAL B 298 26.01 -22.53 -5.65
C VAL B 298 26.76 -21.20 -5.64
N ALA B 299 27.17 -20.73 -4.45
CA ALA B 299 27.97 -19.51 -4.38
C ALA B 299 29.38 -19.71 -4.90
N ILE B 300 29.86 -20.94 -4.94
CA ILE B 300 31.22 -21.22 -5.39
C ILE B 300 31.29 -21.41 -6.90
N ILE B 301 30.28 -22.06 -7.50
CA ILE B 301 30.41 -22.51 -8.89
C ILE B 301 30.66 -21.37 -9.89
N PRO B 302 29.94 -20.24 -9.85
CA PRO B 302 30.05 -19.29 -10.99
C PRO B 302 31.47 -18.81 -11.26
N TYR B 303 32.24 -18.56 -10.21
CA TYR B 303 33.61 -18.10 -10.40
C TYR B 303 34.44 -19.12 -11.16
N PHE B 304 34.33 -20.40 -10.77
CA PHE B 304 35.09 -21.43 -11.44
C PHE B 304 34.57 -21.71 -12.85
N ILE B 305 33.26 -21.54 -13.07
CA ILE B 305 32.72 -21.70 -14.42
C ILE B 305 33.29 -20.64 -15.36
N THR B 306 33.30 -19.38 -14.90
CA THR B 306 33.89 -18.32 -15.72
C THR B 306 35.39 -18.53 -15.90
N LEU B 307 36.07 -19.01 -14.86
CA LEU B 307 37.51 -19.27 -14.98
C LEU B 307 37.79 -20.35 -16.01
N GLY B 308 36.99 -21.43 -16.00
CA GLY B 308 37.16 -22.47 -17.00
C GLY B 308 36.81 -22.00 -18.40
N THR B 309 35.79 -21.16 -18.52
CA THR B 309 35.45 -20.59 -19.82
C THR B 309 36.59 -19.73 -20.35
N GLU B 310 37.23 -18.95 -19.47
CA GLU B 310 38.37 -18.14 -19.90
C GLU B 310 39.51 -19.00 -20.44
N LEU B 311 39.78 -20.12 -19.77
CA LEU B 311 40.83 -21.03 -20.22
C LEU B 311 40.28 -22.08 -21.17
N SER B 326 27.88 -17.74 -26.68
CA SER B 326 26.69 -17.50 -25.85
C SER B 326 26.94 -16.35 -24.88
N LEU B 327 25.96 -15.45 -24.77
CA LEU B 327 26.04 -14.31 -23.88
C LEU B 327 24.99 -14.30 -22.78
N ALA B 328 23.80 -14.83 -23.05
CA ALA B 328 22.78 -14.90 -22.01
C ALA B 328 23.17 -15.86 -20.89
N ILE B 329 23.98 -16.87 -21.22
CA ILE B 329 24.49 -17.78 -20.19
C ILE B 329 25.36 -17.02 -19.21
N LEU B 330 26.22 -16.13 -19.72
CA LEU B 330 27.07 -15.33 -18.83
C LEU B 330 26.23 -14.42 -17.94
N ARG B 331 25.17 -13.82 -18.51
CA ARG B 331 24.29 -12.97 -17.71
C ARG B 331 23.57 -13.77 -16.63
N VAL B 332 23.13 -14.99 -16.95
CA VAL B 332 22.47 -15.83 -15.96
C VAL B 332 23.45 -16.23 -14.86
N ILE B 333 24.68 -16.54 -15.24
CA ILE B 333 25.70 -16.89 -14.25
C ILE B 333 25.98 -15.71 -13.33
N ARG B 334 26.13 -14.51 -13.90
CA ARG B 334 26.39 -13.34 -13.08
C ARG B 334 25.18 -12.99 -12.22
N LEU B 335 23.98 -13.36 -12.66
CA LEU B 335 22.79 -13.17 -11.84
C LEU B 335 22.78 -14.12 -10.64
N VAL B 336 23.04 -15.41 -10.88
CA VAL B 336 23.11 -16.36 -9.77
C VAL B 336 24.34 -16.17 -8.90
N ARG B 337 25.27 -15.32 -9.33
CA ARG B 337 26.41 -14.94 -8.49
C ARG B 337 25.99 -14.21 -7.23
N VAL B 338 24.75 -13.71 -7.15
CA VAL B 338 24.28 -12.99 -5.97
C VAL B 338 23.86 -13.92 -4.83
N PHE B 339 23.84 -15.24 -5.06
CA PHE B 339 23.33 -16.15 -4.05
C PHE B 339 24.28 -16.35 -2.88
N ARG B 340 25.44 -15.69 -2.88
CA ARG B 340 26.30 -15.74 -1.70
C ARG B 340 25.75 -14.94 -0.53
N ILE B 341 24.72 -14.11 -0.76
CA ILE B 341 24.03 -13.46 0.34
C ILE B 341 23.29 -14.48 1.19
N PHE B 342 22.90 -15.62 0.61
CA PHE B 342 22.26 -16.69 1.36
C PHE B 342 23.24 -17.43 2.27
N LYS B 343 24.54 -17.21 2.10
CA LYS B 343 25.53 -17.80 3.00
C LYS B 343 25.45 -17.22 4.40
N LEU B 344 24.77 -16.09 4.58
CA LEU B 344 24.56 -15.53 5.91
C LEU B 344 23.63 -16.38 6.75
N SER B 345 22.89 -17.31 6.14
CA SER B 345 21.96 -18.15 6.89
C SER B 345 22.67 -19.05 7.89
N ARG B 346 23.95 -19.34 7.68
CA ARG B 346 24.68 -20.17 8.63
C ARG B 346 24.94 -19.41 9.93
N HIS B 347 25.20 -18.11 9.84
CA HIS B 347 25.56 -17.30 10.99
C HIS B 347 24.39 -16.52 11.57
N SER B 348 23.19 -16.66 11.00
CA SER B 348 22.02 -15.91 11.46
C SER B 348 20.88 -16.88 11.69
N LYS B 349 20.30 -16.85 12.90
CA LYS B 349 19.18 -17.72 13.22
C LYS B 349 17.88 -17.26 12.56
N GLY B 350 17.74 -15.96 12.33
CA GLY B 350 16.52 -15.45 11.71
C GLY B 350 16.34 -15.96 10.29
N LEU B 351 17.42 -16.05 9.53
CA LEU B 351 17.32 -16.58 8.18
C LEU B 351 16.97 -18.07 8.19
N GLN B 352 17.50 -18.82 9.15
CA GLN B 352 17.11 -20.22 9.30
C GLN B 352 15.63 -20.34 9.64
N ILE B 353 15.13 -19.48 10.53
CA ILE B 353 13.72 -19.49 10.87
C ILE B 353 12.87 -19.17 9.65
N LEU B 354 13.29 -18.18 8.86
CA LEU B 354 12.57 -17.84 7.63
C LEU B 354 12.57 -19.00 6.65
N GLY B 355 13.70 -19.69 6.52
CA GLY B 355 13.75 -20.84 5.64
C GLY B 355 12.83 -21.97 6.08
N GLN B 356 12.80 -22.24 7.38
CA GLN B 356 11.89 -23.27 7.88
C GLN B 356 10.44 -22.86 7.70
N THR B 357 10.14 -21.57 7.87
CA THR B 357 8.79 -21.07 7.62
C THR B 357 8.40 -21.26 6.16
N LEU B 358 9.29 -20.93 5.24
CA LEU B 358 9.02 -21.12 3.82
C LEU B 358 8.83 -22.59 3.48
N LYS B 359 9.64 -23.46 4.09
CA LYS B 359 9.48 -24.89 3.87
C LYS B 359 8.14 -25.39 4.36
N ALA B 360 7.70 -24.91 5.54
CA ALA B 360 6.43 -25.35 6.11
C ALA B 360 5.23 -24.71 5.42
N SER B 361 5.39 -23.49 4.89
CA SER B 361 4.28 -22.76 4.27
C SER B 361 4.29 -22.86 2.76
N MET B 362 4.72 -24.00 2.20
CA MET B 362 4.74 -24.15 0.75
C MET B 362 3.33 -24.17 0.18
N ARG B 363 2.40 -24.86 0.86
CA ARG B 363 1.02 -24.91 0.36
C ARG B 363 0.37 -23.53 0.37
N GLU B 364 0.59 -22.75 1.44
CA GLU B 364 0.02 -21.42 1.50
C GLU B 364 0.64 -20.49 0.48
N LEU B 365 1.96 -20.61 0.26
CA LEU B 365 2.60 -19.81 -0.78
C LEU B 365 2.05 -20.16 -2.16
N GLY B 366 1.85 -21.45 -2.44
CA GLY B 366 1.26 -21.85 -3.70
C GLY B 366 -0.17 -21.35 -3.85
N LEU B 367 -0.94 -21.39 -2.77
CA LEU B 367 -2.30 -20.86 -2.79
C LEU B 367 -2.31 -19.37 -3.09
N LEU B 368 -1.39 -18.63 -2.46
CA LEU B 368 -1.29 -17.19 -2.72
C LEU B 368 -0.92 -16.94 -4.17
N ILE B 369 0.03 -17.69 -4.71
CA ILE B 369 0.44 -17.51 -6.10
C ILE B 369 -0.72 -17.83 -7.05
N PHE B 370 -1.44 -18.91 -6.77
CA PHE B 370 -2.58 -19.30 -7.61
C PHE B 370 -3.67 -18.24 -7.58
N PHE B 371 -3.99 -17.72 -6.40
CA PHE B 371 -5.01 -16.69 -6.28
C PHE B 371 -4.58 -15.41 -6.98
N LEU B 372 -3.31 -15.03 -6.83
CA LEU B 372 -2.79 -13.85 -7.51
C LEU B 372 -2.89 -14.03 -9.03
N PHE B 373 -2.54 -15.21 -9.54
CA PHE B 373 -2.61 -15.46 -10.97
C PHE B 373 -4.04 -15.39 -11.48
N ILE B 374 -4.99 -15.97 -10.74
CA ILE B 374 -6.38 -15.94 -11.16
C ILE B 374 -6.90 -14.51 -11.20
N GLY B 375 -6.64 -13.75 -10.14
CA GLY B 375 -7.07 -12.37 -10.11
C GLY B 375 -6.41 -11.53 -11.18
N VAL B 376 -5.13 -11.79 -11.45
CA VAL B 376 -4.40 -11.04 -12.47
C VAL B 376 -5.01 -11.29 -13.84
N ILE B 377 -5.29 -12.56 -14.16
CA ILE B 377 -5.90 -12.87 -15.44
C ILE B 377 -7.26 -12.19 -15.56
N LEU B 378 -8.09 -12.31 -14.51
CA LEU B 378 -9.43 -11.76 -14.55
C LEU B 378 -9.40 -10.25 -14.76
N PHE B 379 -8.62 -9.53 -13.95
CA PHE B 379 -8.63 -8.08 -14.02
C PHE B 379 -7.89 -7.56 -15.24
N SER B 380 -6.87 -8.29 -15.72
CA SER B 380 -6.22 -7.90 -16.97
C SER B 380 -7.19 -7.99 -18.14
N SER B 381 -7.96 -9.09 -18.21
CA SER B 381 -8.97 -9.19 -19.26
C SER B 381 -10.01 -8.09 -19.13
N ALA B 382 -10.47 -7.83 -17.91
CA ALA B 382 -11.49 -6.81 -17.70
C ALA B 382 -11.00 -5.43 -18.10
N VAL B 383 -9.77 -5.09 -17.73
CA VAL B 383 -9.26 -3.75 -18.00
C VAL B 383 -8.86 -3.60 -19.47
N TYR B 384 -8.48 -4.70 -20.13
CA TYR B 384 -8.19 -4.62 -21.56
C TYR B 384 -9.48 -4.40 -22.34
N PHE B 385 -10.51 -5.19 -22.04
CA PHE B 385 -11.74 -5.07 -22.82
C PHE B 385 -12.53 -3.82 -22.47
N ALA B 386 -12.40 -3.32 -21.23
CA ALA B 386 -13.09 -2.09 -20.85
C ALA B 386 -12.41 -0.85 -21.43
N GLU B 387 -11.13 -0.93 -21.77
CA GLU B 387 -10.37 0.20 -22.30
C GLU B 387 -9.70 -0.18 -23.61
N ALA B 388 -10.46 -0.81 -24.51
CA ALA B 388 -9.92 -1.27 -25.79
C ALA B 388 -10.19 -0.27 -26.91
N ASP B 389 -11.35 0.35 -26.93
CA ASP B 389 -11.73 1.28 -27.99
C ASP B 389 -11.19 2.69 -27.71
N GLU B 390 -9.89 2.79 -27.44
CA GLU B 390 -9.25 4.07 -27.15
C GLU B 390 -7.90 4.12 -27.84
N ARG B 391 -7.61 5.26 -28.47
CA ARG B 391 -6.32 5.42 -29.14
C ARG B 391 -5.19 5.58 -28.14
N ASP B 392 -5.45 6.26 -27.02
CA ASP B 392 -4.44 6.49 -25.98
C ASP B 392 -4.48 5.42 -24.89
N SER B 393 -4.94 4.21 -25.21
CA SER B 393 -5.00 3.16 -24.22
C SER B 393 -3.60 2.64 -23.90
N GLN B 394 -3.31 2.51 -22.62
CA GLN B 394 -2.02 2.01 -22.15
C GLN B 394 -1.99 0.49 -22.03
N PHE B 395 -3.08 -0.18 -22.38
CA PHE B 395 -3.15 -1.64 -22.33
C PHE B 395 -3.28 -2.19 -23.74
N PRO B 396 -2.18 -2.37 -24.47
CA PRO B 396 -2.27 -2.93 -25.82
C PRO B 396 -2.80 -4.36 -25.84
N SER B 397 -2.59 -5.12 -24.77
CA SER B 397 -2.99 -6.52 -24.75
C SER B 397 -3.15 -6.95 -23.30
N ILE B 398 -3.81 -8.11 -23.12
CA ILE B 398 -3.95 -8.69 -21.79
C ILE B 398 -2.60 -9.05 -21.17
N PRO B 399 -1.67 -9.70 -21.86
CA PRO B 399 -0.35 -9.92 -21.26
C PRO B 399 0.36 -8.64 -20.86
N ASP B 400 0.13 -7.55 -21.59
CA ASP B 400 0.67 -6.25 -21.17
C ASP B 400 -0.05 -5.75 -19.93
N ALA B 401 -1.36 -6.00 -19.84
CA ALA B 401 -2.13 -5.61 -18.65
C ALA B 401 -1.81 -6.47 -17.44
N PHE B 402 -1.07 -7.57 -17.63
CA PHE B 402 -0.63 -8.37 -16.48
C PHE B 402 0.20 -7.52 -15.51
N TRP B 403 1.06 -6.66 -16.05
CA TRP B 403 1.86 -5.77 -15.22
C TRP B 403 0.97 -4.83 -14.41
N TRP B 404 -0.03 -4.23 -15.05
CA TRP B 404 -0.95 -3.37 -14.33
C TRP B 404 -1.69 -4.14 -13.25
N ALA B 405 -2.08 -5.38 -13.55
CA ALA B 405 -2.80 -6.19 -12.56
C ALA B 405 -1.92 -6.49 -11.35
N VAL B 406 -0.69 -6.95 -11.58
CA VAL B 406 0.18 -7.27 -10.44
C VAL B 406 0.51 -6.03 -9.65
N VAL B 407 0.65 -4.87 -10.31
CA VAL B 407 0.97 -3.64 -9.60
C VAL B 407 -0.24 -3.17 -8.78
N SER B 408 -1.45 -3.29 -9.32
CA SER B 408 -2.64 -2.81 -8.62
C SER B 408 -3.00 -3.71 -7.45
N MET B 409 -2.98 -5.04 -7.67
CA MET B 409 -3.38 -5.96 -6.60
C MET B 409 -2.43 -5.88 -5.41
N THR B 410 -1.13 -5.74 -5.67
CA THR B 410 -0.18 -5.55 -4.59
C THR B 410 -0.23 -4.14 -4.02
N THR B 411 -0.94 -3.22 -4.69
CA THR B 411 -1.07 -1.82 -4.29
C THR B 411 0.26 -1.09 -4.32
N VAL B 412 1.18 -1.51 -5.18
CA VAL B 412 2.39 -0.73 -5.40
C VAL B 412 2.06 0.56 -6.14
N GLY B 413 1.23 0.47 -7.18
CA GLY B 413 0.75 1.63 -7.90
C GLY B 413 1.82 2.50 -8.51
N TYR B 414 2.53 1.99 -9.52
CA TYR B 414 3.55 2.78 -10.18
C TYR B 414 2.93 3.92 -10.98
N GLY B 415 1.77 3.68 -11.61
CA GLY B 415 1.14 4.67 -12.44
C GLY B 415 1.59 4.68 -13.87
N ASP B 416 2.50 3.79 -14.27
CA ASP B 416 2.94 3.74 -15.67
C ASP B 416 1.78 3.35 -16.59
N MET B 417 0.96 2.39 -16.16
CA MET B 417 -0.25 2.01 -16.87
C MET B 417 -1.43 2.31 -15.97
N VAL B 418 -2.34 3.16 -16.43
CA VAL B 418 -3.44 3.65 -15.61
C VAL B 418 -4.73 3.64 -16.43
N PRO B 419 -5.83 3.10 -15.90
CA PRO B 419 -7.09 3.12 -16.64
C PRO B 419 -7.60 4.54 -16.83
N THR B 420 -8.29 4.75 -17.94
CA THR B 420 -8.84 6.06 -18.28
C THR B 420 -10.35 6.06 -18.43
N THR B 421 -10.92 5.05 -19.09
CA THR B 421 -12.36 4.98 -19.24
C THR B 421 -13.03 4.64 -17.92
N ILE B 422 -14.33 4.96 -17.83
CA ILE B 422 -15.08 4.75 -16.59
C ILE B 422 -15.08 3.27 -16.20
N GLY B 423 -15.32 2.39 -17.19
CA GLY B 423 -15.20 0.97 -16.93
C GLY B 423 -13.80 0.59 -16.48
N GLY B 424 -12.79 1.24 -17.05
CA GLY B 424 -11.42 0.99 -16.61
C GLY B 424 -11.21 1.38 -15.16
N LYS B 425 -11.75 2.54 -14.74
CA LYS B 425 -11.61 2.96 -13.35
C LYS B 425 -12.33 2.00 -12.41
N ILE B 426 -13.53 1.55 -12.78
CA ILE B 426 -14.27 0.60 -11.96
C ILE B 426 -13.48 -0.70 -11.83
N VAL B 427 -12.95 -1.20 -12.95
CA VAL B 427 -12.15 -2.43 -12.92
C VAL B 427 -10.91 -2.24 -12.06
N GLY B 428 -10.29 -1.06 -12.12
CA GLY B 428 -9.10 -0.83 -11.31
C GLY B 428 -9.39 -0.81 -9.82
N SER B 429 -10.50 -0.17 -9.43
CA SER B 429 -10.88 -0.18 -8.02
C SER B 429 -11.20 -1.59 -7.54
N LEU B 430 -11.95 -2.36 -8.35
CA LEU B 430 -12.22 -3.74 -7.98
C LEU B 430 -10.93 -4.55 -7.89
N CYS B 431 -9.99 -4.28 -8.79
CA CYS B 431 -8.70 -4.96 -8.78
C CYS B 431 -7.93 -4.67 -7.50
N ALA B 432 -7.91 -3.41 -7.08
CA ALA B 432 -7.24 -3.06 -5.83
C ALA B 432 -7.87 -3.78 -4.65
N ILE B 433 -9.21 -3.80 -4.58
CA ILE B 433 -9.89 -4.44 -3.46
C ILE B 433 -9.60 -5.94 -3.44
N ALA B 434 -9.76 -6.59 -4.59
CA ALA B 434 -9.54 -8.04 -4.65
C ALA B 434 -8.09 -8.40 -4.38
N GLY B 435 -7.14 -7.59 -4.85
CA GLY B 435 -5.75 -7.85 -4.55
C GLY B 435 -5.44 -7.73 -3.07
N VAL B 436 -6.01 -6.71 -2.41
CA VAL B 436 -5.82 -6.58 -0.97
C VAL B 436 -6.36 -7.81 -0.26
N LEU B 437 -7.57 -8.24 -0.63
CA LEU B 437 -8.19 -9.39 0.03
C LEU B 437 -7.38 -10.66 -0.21
N THR B 438 -6.96 -10.89 -1.45
CA THR B 438 -6.24 -12.12 -1.79
C THR B 438 -4.83 -12.15 -1.23
N ILE B 439 -4.21 -10.98 -0.99
CA ILE B 439 -2.97 -10.95 -0.24
C ILE B 439 -3.24 -11.28 1.22
N ALA B 440 -4.28 -10.67 1.80
CA ALA B 440 -4.55 -10.84 3.22
C ALA B 440 -5.08 -12.22 3.57
N LEU B 441 -5.46 -13.03 2.60
CA LEU B 441 -5.98 -14.35 2.97
C LEU B 441 -4.89 -15.29 3.54
N PRO B 442 -3.79 -15.57 2.83
CA PRO B 442 -2.82 -16.55 3.34
C PRO B 442 -1.70 -15.95 4.18
N VAL B 443 -1.54 -14.62 4.17
CA VAL B 443 -0.50 -13.99 4.97
C VAL B 443 -0.63 -14.28 6.45
N PRO B 444 -1.83 -14.24 7.06
CA PRO B 444 -1.92 -14.65 8.48
C PRO B 444 -1.46 -16.07 8.75
N VAL B 445 -1.72 -17.00 7.85
CA VAL B 445 -1.26 -18.38 8.08
C VAL B 445 0.26 -18.44 8.00
N ILE B 446 0.83 -17.77 7.01
CA ILE B 446 2.29 -17.74 6.90
C ILE B 446 2.91 -17.08 8.13
N VAL B 447 2.27 -16.02 8.62
CA VAL B 447 2.76 -15.31 9.80
C VAL B 447 2.67 -16.20 11.03
N SER B 448 1.58 -16.95 11.17
CA SER B 448 1.47 -17.89 12.29
C SER B 448 2.57 -18.94 12.23
N ASN B 449 2.85 -19.46 11.04
CA ASN B 449 3.94 -20.42 10.90
C ASN B 449 5.28 -19.79 11.30
N PHE B 450 5.53 -18.56 10.86
CA PHE B 450 6.77 -17.89 11.20
C PHE B 450 6.88 -17.68 12.70
N ASN B 451 5.80 -17.26 13.35
CA ASN B 451 5.83 -17.02 14.78
C ASN B 451 6.03 -18.31 15.56
N TYR B 452 5.40 -19.40 15.11
CA TYR B 452 5.61 -20.69 15.75
C TYR B 452 7.07 -21.13 15.65
N PHE B 453 7.67 -20.95 14.47
CA PHE B 453 9.09 -21.30 14.33
C PHE B 453 10.01 -20.32 15.04
N TYR B 454 9.54 -19.08 15.28
CA TYR B 454 10.37 -18.06 15.89
C TYR B 454 10.43 -18.20 17.40
N HIS B 455 9.28 -18.44 18.04
CA HIS B 455 9.25 -18.63 19.48
C HIS B 455 9.61 -20.05 19.90
N ARG B 456 9.76 -20.97 18.95
CA ARG B 456 10.16 -22.33 19.28
C ARG B 456 11.59 -22.39 19.80
N GLU B 457 12.45 -21.49 19.32
CA GLU B 457 13.84 -21.51 19.75
C GLU B 457 13.96 -21.22 21.25
N THR B 458 13.20 -20.26 21.75
CA THR B 458 13.23 -19.91 23.16
C THR B 458 12.23 -20.76 23.95
N ARG C 175 -22.93 -38.48 -2.29
CA ARG C 175 -23.61 -38.57 -3.58
C ARG C 175 -23.73 -40.03 -4.02
N PRO C 176 -24.96 -40.48 -4.22
CA PRO C 176 -25.17 -41.87 -4.66
C PRO C 176 -24.64 -42.11 -6.06
N LEU C 177 -24.21 -43.34 -6.30
CA LEU C 177 -23.73 -43.73 -7.62
C LEU C 177 -24.91 -43.84 -8.58
N PRO C 178 -24.64 -43.72 -9.89
CA PRO C 178 -25.75 -43.87 -10.87
C PRO C 178 -26.42 -45.22 -10.82
N GLU C 179 -25.69 -46.30 -10.54
CA GLU C 179 -26.19 -47.66 -10.39
C GLU C 179 -26.53 -48.34 -11.71
N ASN C 180 -26.31 -47.70 -12.85
CA ASN C 180 -26.63 -48.31 -14.14
C ASN C 180 -25.58 -49.31 -14.60
N GLU C 181 -24.45 -49.42 -13.91
CA GLU C 181 -23.31 -50.27 -14.20
C GLU C 181 -22.47 -49.76 -15.36
N PHE C 182 -22.93 -48.76 -16.09
CA PHE C 182 -22.14 -48.05 -17.10
C PHE C 182 -22.16 -46.55 -16.87
N GLN C 183 -23.30 -45.99 -16.44
CA GLN C 183 -23.33 -44.60 -16.03
C GLN C 183 -22.50 -44.38 -14.78
N ARG C 184 -22.53 -45.34 -13.85
CA ARG C 184 -21.73 -45.23 -12.63
C ARG C 184 -20.24 -45.23 -12.95
N GLN C 185 -19.81 -46.08 -13.88
CA GLN C 185 -18.39 -46.14 -14.24
C GLN C 185 -17.93 -44.82 -14.85
N VAL C 186 -18.72 -44.25 -15.76
CA VAL C 186 -18.35 -42.99 -16.38
C VAL C 186 -18.36 -41.86 -15.36
N TRP C 187 -19.36 -41.85 -14.47
CA TRP C 187 -19.43 -40.83 -13.44
C TRP C 187 -18.23 -40.89 -12.50
N LEU C 188 -17.83 -42.10 -12.11
CA LEU C 188 -16.64 -42.25 -11.27
C LEU C 188 -15.39 -41.82 -12.02
N LEU C 189 -15.31 -42.14 -13.32
CA LEU C 189 -14.17 -41.75 -14.12
C LEU C 189 -14.03 -40.24 -14.22
N PHE C 190 -15.15 -39.54 -14.42
CA PHE C 190 -15.14 -38.11 -14.68
C PHE C 190 -15.40 -37.26 -13.44
N GLU C 191 -15.54 -37.87 -12.27
CA GLU C 191 -15.83 -37.11 -11.06
C GLU C 191 -14.76 -37.23 -9.99
N TYR C 192 -14.29 -38.43 -9.68
CA TYR C 192 -13.33 -38.63 -8.60
C TYR C 192 -11.97 -39.02 -9.19
N PRO C 193 -11.03 -38.09 -9.33
CA PRO C 193 -9.74 -38.44 -9.92
C PRO C 193 -8.95 -39.48 -9.15
N GLU C 194 -9.07 -39.49 -7.82
CA GLU C 194 -8.29 -40.42 -7.01
C GLU C 194 -8.80 -41.86 -7.10
N SER C 195 -9.97 -42.07 -7.71
CA SER C 195 -10.55 -43.42 -7.74
C SER C 195 -9.67 -44.38 -8.54
N SER C 196 -9.16 -43.94 -9.69
CA SER C 196 -8.40 -44.81 -10.56
C SER C 196 -7.42 -44.00 -11.38
N GLY C 197 -6.47 -44.69 -12.02
CA GLY C 197 -5.48 -44.07 -12.86
C GLY C 197 -6.06 -43.33 -14.05
N PRO C 198 -6.99 -43.95 -14.79
CA PRO C 198 -7.66 -43.21 -15.86
C PRO C 198 -8.35 -41.95 -15.39
N ALA C 199 -8.95 -41.97 -14.19
CA ALA C 199 -9.55 -40.75 -13.66
C ALA C 199 -8.51 -39.67 -13.42
N ARG C 200 -7.35 -40.06 -12.89
CA ARG C 200 -6.27 -39.09 -12.68
C ARG C 200 -5.77 -38.51 -13.98
N ILE C 201 -5.60 -39.34 -15.01
CA ILE C 201 -5.10 -38.82 -16.28
C ILE C 201 -6.16 -37.94 -16.93
N ILE C 202 -7.45 -38.26 -16.76
CA ILE C 202 -8.50 -37.40 -17.28
C ILE C 202 -8.49 -36.05 -16.58
N ALA C 203 -8.28 -36.05 -15.26
CA ALA C 203 -8.19 -34.78 -14.53
C ALA C 203 -7.00 -33.96 -15.00
N ILE C 204 -5.85 -34.61 -15.21
CA ILE C 204 -4.67 -33.90 -15.69
C ILE C 204 -4.91 -33.32 -17.08
N VAL C 205 -5.56 -34.10 -17.95
CA VAL C 205 -5.87 -33.62 -19.30
C VAL C 205 -6.80 -32.42 -19.23
N SER C 206 -7.81 -32.47 -18.37
CA SER C 206 -8.73 -31.35 -18.24
C SER C 206 -8.02 -30.11 -17.73
N VAL C 207 -7.12 -30.27 -16.75
CA VAL C 207 -6.38 -29.13 -16.23
C VAL C 207 -5.50 -28.52 -17.32
N MET C 208 -4.81 -29.36 -18.09
CA MET C 208 -3.97 -28.86 -19.16
C MET C 208 -4.79 -28.18 -20.24
N VAL C 209 -5.98 -28.70 -20.54
CA VAL C 209 -6.84 -28.08 -21.54
C VAL C 209 -7.31 -26.71 -21.08
N ILE C 210 -7.71 -26.60 -19.80
CA ILE C 210 -8.13 -25.30 -19.27
C ILE C 210 -6.98 -24.30 -19.33
N LEU C 211 -5.78 -24.74 -18.94
CA LEU C 211 -4.62 -23.84 -18.98
C LEU C 211 -4.30 -23.41 -20.40
N ILE C 212 -4.38 -24.34 -21.36
CA ILE C 212 -4.14 -24.02 -22.76
C ILE C 212 -5.17 -23.02 -23.27
N SER C 213 -6.43 -23.21 -22.87
CA SER C 213 -7.48 -22.27 -23.27
C SER C 213 -7.22 -20.88 -22.71
N ILE C 214 -6.80 -20.79 -21.46
CA ILE C 214 -6.51 -19.49 -20.86
C ILE C 214 -5.35 -18.82 -21.58
N VAL C 215 -4.29 -19.59 -21.86
CA VAL C 215 -3.12 -19.03 -22.56
C VAL C 215 -3.51 -18.54 -23.95
N SER C 216 -4.31 -19.33 -24.66
CA SER C 216 -4.75 -18.91 -25.99
C SER C 216 -5.61 -17.65 -25.94
N PHE C 217 -6.52 -17.58 -24.96
CA PHE C 217 -7.36 -16.39 -24.81
C PHE C 217 -6.52 -15.16 -24.53
N CYS C 218 -5.49 -15.30 -23.68
CA CYS C 218 -4.63 -14.16 -23.38
C CYS C 218 -3.76 -13.78 -24.58
N LEU C 219 -3.28 -14.77 -25.33
CA LEU C 219 -2.40 -14.49 -26.46
C LEU C 219 -3.15 -13.98 -27.68
N GLU C 220 -4.47 -14.19 -27.75
CA GLU C 220 -5.24 -13.68 -28.88
C GLU C 220 -5.14 -12.16 -28.98
N THR C 221 -4.92 -11.48 -27.86
CA THR C 221 -4.94 -10.02 -27.81
C THR C 221 -3.59 -9.38 -28.15
N LEU C 222 -2.54 -10.19 -28.33
CA LEU C 222 -1.24 -9.62 -28.63
C LEU C 222 -1.26 -8.91 -29.98
N PRO C 223 -0.62 -7.75 -30.10
CA PRO C 223 -0.66 -7.02 -31.38
C PRO C 223 0.01 -7.76 -32.52
N ILE C 224 0.93 -8.68 -32.23
CA ILE C 224 1.62 -9.41 -33.30
C ILE C 224 0.62 -10.18 -34.15
N PHE C 225 -0.31 -10.87 -33.51
CA PHE C 225 -1.34 -11.61 -34.24
C PHE C 225 -2.54 -10.75 -34.61
N ARG C 226 -2.88 -9.78 -33.76
CA ARG C 226 -4.06 -8.95 -34.02
C ARG C 226 -3.86 -8.09 -35.26
N ASP C 227 -2.68 -7.45 -35.40
CA ASP C 227 -2.43 -6.61 -36.56
C ASP C 227 -2.18 -7.44 -37.81
N GLU C 228 -1.42 -8.53 -37.66
CA GLU C 228 -1.08 -9.39 -38.80
C GLU C 228 -2.10 -10.52 -38.93
N ASN C 229 -3.28 -10.14 -39.40
CA ASN C 229 -4.37 -11.10 -39.59
C ASN C 229 -5.06 -10.87 -40.92
N SER C 243 -14.07 -9.58 -37.15
CA SER C 243 -13.94 -10.98 -36.81
C SER C 243 -12.59 -11.27 -36.15
N GLN C 244 -11.51 -10.95 -36.86
CA GLN C 244 -10.17 -11.18 -36.34
C GLN C 244 -9.86 -10.30 -35.14
N SER C 245 -10.58 -9.19 -34.97
CA SER C 245 -10.40 -8.31 -33.82
C SER C 245 -11.64 -8.19 -32.96
N THR C 246 -12.84 -8.31 -33.55
CA THR C 246 -14.07 -8.28 -32.76
C THR C 246 -14.18 -9.50 -31.86
N ILE C 247 -13.81 -10.68 -32.37
CA ILE C 247 -13.91 -11.91 -31.61
C ILE C 247 -12.56 -12.53 -31.29
N GLY C 248 -11.49 -12.12 -31.97
CA GLY C 248 -10.17 -12.66 -31.73
C GLY C 248 -9.84 -13.90 -32.52
N TYR C 249 -10.80 -14.47 -33.24
CA TYR C 249 -10.57 -15.66 -34.05
C TYR C 249 -11.49 -15.61 -35.25
N GLN C 250 -11.06 -16.25 -36.34
CA GLN C 250 -11.80 -16.27 -37.59
C GLN C 250 -12.58 -17.59 -37.68
N GLN C 251 -13.91 -17.49 -37.69
CA GLN C 251 -14.76 -18.66 -37.75
C GLN C 251 -15.02 -19.01 -39.21
N SER C 252 -14.43 -20.10 -39.68
CA SER C 252 -14.59 -20.52 -41.06
C SER C 252 -14.41 -22.03 -41.13
N THR C 253 -14.92 -22.61 -42.22
CA THR C 253 -14.79 -24.05 -42.43
C THR C 253 -13.33 -24.46 -42.57
N SER C 254 -12.54 -23.65 -43.27
CA SER C 254 -11.13 -23.98 -43.47
C SER C 254 -10.38 -24.03 -42.14
N PHE C 255 -10.68 -23.09 -41.24
CA PHE C 255 -10.06 -23.02 -39.92
C PHE C 255 -8.54 -22.87 -40.02
N THR C 256 -8.12 -21.85 -40.76
CA THR C 256 -6.70 -21.58 -40.93
C THR C 256 -6.08 -20.92 -39.70
N ASP C 257 -6.85 -20.14 -38.96
CA ASP C 257 -6.31 -19.42 -37.81
C ASP C 257 -5.97 -20.37 -36.68
N PRO C 258 -4.73 -20.41 -36.21
CA PRO C 258 -4.40 -21.31 -35.08
C PRO C 258 -5.19 -21.03 -33.82
N PHE C 259 -5.50 -19.76 -33.54
CA PHE C 259 -6.27 -19.42 -32.36
C PHE C 259 -7.67 -20.04 -32.42
N PHE C 260 -8.29 -19.98 -33.59
CA PHE C 260 -9.61 -20.60 -33.75
C PHE C 260 -9.52 -22.10 -33.56
N ILE C 261 -8.45 -22.72 -34.05
CA ILE C 261 -8.29 -24.17 -33.90
C ILE C 261 -8.17 -24.53 -32.42
N VAL C 262 -7.35 -23.78 -31.68
CA VAL C 262 -7.17 -24.06 -30.26
C VAL C 262 -8.47 -23.85 -29.49
N GLU C 263 -9.18 -22.75 -29.80
CA GLU C 263 -10.45 -22.49 -29.13
C GLU C 263 -11.48 -23.55 -29.45
N THR C 264 -11.54 -24.01 -30.70
CA THR C 264 -12.46 -25.06 -31.08
C THR C 264 -12.16 -26.36 -30.35
N LEU C 265 -10.87 -26.72 -30.26
CA LEU C 265 -10.51 -27.94 -29.55
C LEU C 265 -10.87 -27.84 -28.07
N CYS C 266 -10.59 -26.70 -27.45
CA CYS C 266 -10.90 -26.53 -26.03
C CYS C 266 -12.40 -26.58 -25.79
N ILE C 267 -13.18 -25.95 -26.67
CA ILE C 267 -14.63 -25.95 -26.52
C ILE C 267 -15.19 -27.35 -26.77
N ILE C 268 -14.59 -28.10 -27.70
CA ILE C 268 -15.02 -29.48 -27.94
C ILE C 268 -14.78 -30.32 -26.70
N TRP C 269 -13.61 -30.18 -26.07
CA TRP C 269 -13.34 -30.93 -24.84
C TRP C 269 -14.31 -30.53 -23.73
N PHE C 270 -14.55 -29.23 -23.58
CA PHE C 270 -15.47 -28.76 -22.54
C PHE C 270 -16.87 -29.30 -22.77
N SER C 271 -17.34 -29.27 -24.02
CA SER C 271 -18.66 -29.77 -24.34
C SER C 271 -18.78 -31.27 -24.08
N PHE C 272 -17.75 -32.03 -24.47
CA PHE C 272 -17.77 -33.47 -24.22
C PHE C 272 -17.82 -33.75 -22.73
N GLU C 273 -16.99 -33.05 -21.96
CA GLU C 273 -16.98 -33.26 -20.51
C GLU C 273 -18.32 -32.91 -19.89
N PHE C 274 -18.89 -31.76 -20.25
CA PHE C 274 -20.16 -31.35 -19.68
C PHE C 274 -21.29 -32.29 -20.06
N LEU C 275 -21.32 -32.72 -21.33
CA LEU C 275 -22.37 -33.63 -21.77
C LEU C 275 -22.27 -34.97 -21.05
N VAL C 276 -21.06 -35.49 -20.88
CA VAL C 276 -20.90 -36.75 -20.17
C VAL C 276 -21.33 -36.60 -18.72
N ARG C 277 -20.95 -35.51 -18.07
CA ARG C 277 -21.34 -35.29 -16.67
C ARG C 277 -22.85 -35.16 -16.54
N PHE C 278 -23.49 -34.46 -17.47
CA PHE C 278 -24.94 -34.27 -17.40
C PHE C 278 -25.68 -35.57 -17.67
N PHE C 279 -25.17 -36.39 -18.60
CA PHE C 279 -25.79 -37.68 -18.87
C PHE C 279 -25.53 -38.72 -17.79
N ALA C 280 -24.45 -38.56 -17.01
CA ALA C 280 -24.13 -39.49 -15.95
C ALA C 280 -24.47 -38.97 -14.56
N CYS C 281 -25.07 -37.79 -14.46
CA CYS C 281 -25.41 -37.24 -13.15
C CYS C 281 -26.60 -38.00 -12.56
N PRO C 282 -26.48 -38.55 -11.35
CA PRO C 282 -27.61 -39.27 -10.75
C PRO C 282 -28.85 -38.41 -10.58
N SER C 283 -28.70 -37.13 -10.25
CA SER C 283 -29.82 -36.22 -10.01
C SER C 283 -29.80 -35.15 -11.09
N LYS C 284 -30.52 -35.42 -12.20
CA LYS C 284 -30.59 -34.46 -13.29
C LYS C 284 -31.31 -33.18 -12.85
N ALA C 285 -32.30 -33.30 -11.97
CA ALA C 285 -33.03 -32.13 -11.50
C ALA C 285 -32.12 -31.18 -10.72
N GLY C 286 -31.26 -31.73 -9.87
CA GLY C 286 -30.32 -30.96 -9.10
C GLY C 286 -28.97 -30.75 -9.75
N PHE C 287 -28.83 -31.13 -11.03
CA PHE C 287 -27.55 -30.98 -11.71
C PHE C 287 -27.22 -29.52 -11.98
N PHE C 288 -28.21 -28.73 -12.40
CA PHE C 288 -28.00 -27.34 -12.76
C PHE C 288 -28.06 -26.40 -11.57
N THR C 289 -27.91 -26.93 -10.35
CA THR C 289 -27.84 -26.09 -9.15
C THR C 289 -26.43 -25.92 -8.63
N ASN C 290 -25.54 -26.88 -8.89
CA ASN C 290 -24.16 -26.76 -8.46
C ASN C 290 -23.48 -25.60 -9.19
N ILE C 291 -22.62 -24.87 -8.47
CA ILE C 291 -21.96 -23.72 -9.06
C ILE C 291 -20.95 -24.16 -10.11
N MET C 292 -20.38 -25.36 -9.97
CA MET C 292 -19.41 -25.84 -10.95
C MET C 292 -20.02 -26.05 -12.33
N ASN C 293 -21.21 -26.61 -12.41
CA ASN C 293 -21.89 -26.79 -13.68
C ASN C 293 -22.32 -25.47 -14.30
N ILE C 294 -22.74 -24.51 -13.47
CA ILE C 294 -23.03 -23.17 -13.98
C ILE C 294 -21.75 -22.53 -14.54
N ILE C 295 -20.62 -22.74 -13.87
CA ILE C 295 -19.35 -22.23 -14.36
C ILE C 295 -19.01 -22.85 -15.70
N ASP C 296 -19.23 -24.16 -15.83
CA ASP C 296 -18.97 -24.84 -17.10
C ASP C 296 -19.86 -24.29 -18.21
N ILE C 297 -21.14 -24.09 -17.91
CA ILE C 297 -22.06 -23.56 -18.92
C ILE C 297 -21.67 -22.15 -19.32
N VAL C 298 -21.25 -21.33 -18.35
CA VAL C 298 -20.83 -19.96 -18.66
C VAL C 298 -19.58 -19.97 -19.51
N ALA C 299 -18.65 -20.88 -19.23
CA ALA C 299 -17.44 -20.99 -20.04
C ALA C 299 -17.73 -21.57 -21.43
N ILE C 300 -18.83 -22.28 -21.59
CA ILE C 300 -19.15 -22.89 -22.88
C ILE C 300 -20.05 -22.04 -23.78
N ILE C 301 -20.86 -21.15 -23.21
CA ILE C 301 -21.85 -20.44 -24.03
C ILE C 301 -21.23 -19.53 -25.09
N PRO C 302 -20.23 -18.67 -24.78
CA PRO C 302 -19.88 -17.62 -25.74
C PRO C 302 -19.45 -18.12 -27.10
N TYR C 303 -18.72 -19.25 -27.15
CA TYR C 303 -18.29 -19.80 -28.43
C TYR C 303 -19.50 -20.18 -29.29
N PHE C 304 -20.48 -20.85 -28.67
CA PHE C 304 -21.67 -21.25 -29.42
C PHE C 304 -22.53 -20.04 -29.79
N ILE C 305 -22.58 -19.03 -28.94
CA ILE C 305 -23.32 -17.82 -29.28
C ILE C 305 -22.71 -17.14 -30.49
N THR C 306 -21.38 -17.02 -30.52
CA THR C 306 -20.72 -16.42 -31.68
C THR C 306 -20.91 -17.28 -32.94
N LEU C 307 -20.84 -18.60 -32.79
CA LEU C 307 -21.05 -19.47 -33.93
C LEU C 307 -22.47 -19.33 -34.49
N GLY C 308 -23.47 -19.24 -33.61
CA GLY C 308 -24.83 -19.04 -34.06
C GLY C 308 -25.03 -17.68 -34.71
N THR C 309 -24.43 -16.63 -34.14
CA THR C 309 -24.52 -15.31 -34.73
C THR C 309 -23.89 -15.26 -36.12
N GLU C 310 -22.74 -15.91 -36.29
CA GLU C 310 -22.11 -15.97 -37.60
C GLU C 310 -22.99 -16.70 -38.61
N LEU C 311 -23.80 -17.65 -38.14
CA LEU C 311 -24.70 -18.39 -39.02
C LEU C 311 -25.93 -17.57 -39.37
N SER C 326 -25.45 -4.11 -33.29
CA SER C 326 -24.91 -4.12 -31.93
C SER C 326 -23.51 -4.70 -31.90
N LEU C 327 -22.56 -3.92 -31.37
CA LEU C 327 -21.17 -4.33 -31.26
C LEU C 327 -20.70 -4.50 -29.83
N ALA C 328 -21.25 -3.73 -28.88
CA ALA C 328 -20.88 -3.90 -27.48
C ALA C 328 -21.26 -5.28 -26.96
N ILE C 329 -22.32 -5.88 -27.53
CA ILE C 329 -22.70 -7.22 -27.12
C ILE C 329 -21.60 -8.21 -27.46
N LEU C 330 -21.01 -8.08 -28.64
CA LEU C 330 -19.89 -8.95 -29.02
C LEU C 330 -18.70 -8.75 -28.09
N ARG C 331 -18.42 -7.50 -27.70
CA ARG C 331 -17.32 -7.25 -26.79
C ARG C 331 -17.57 -7.86 -25.42
N VAL C 332 -18.82 -7.79 -24.94
CA VAL C 332 -19.15 -8.41 -23.66
C VAL C 332 -19.05 -9.92 -23.75
N ILE C 333 -19.47 -10.51 -24.87
CA ILE C 333 -19.35 -11.94 -25.07
C ILE C 333 -17.88 -12.36 -25.06
N ARG C 334 -17.03 -11.57 -25.72
CA ARG C 334 -15.60 -11.84 -25.69
C ARG C 334 -15.03 -11.70 -24.27
N LEU C 335 -15.49 -10.69 -23.53
CA LEU C 335 -14.99 -10.48 -22.17
C LEU C 335 -15.35 -11.64 -21.26
N VAL C 336 -16.58 -12.16 -21.36
CA VAL C 336 -17.01 -13.24 -20.48
C VAL C 336 -16.40 -14.58 -20.88
N ARG C 337 -15.53 -14.62 -21.89
CA ARG C 337 -14.79 -15.83 -22.22
C ARG C 337 -13.63 -16.07 -21.26
N VAL C 338 -13.34 -15.12 -20.36
CA VAL C 338 -12.30 -15.31 -19.36
C VAL C 338 -12.78 -16.07 -18.14
N PHE C 339 -14.09 -16.37 -18.06
CA PHE C 339 -14.62 -17.08 -16.91
C PHE C 339 -14.32 -18.56 -16.92
N ARG C 340 -13.60 -19.06 -17.94
CA ARG C 340 -13.11 -20.43 -17.87
C ARG C 340 -11.90 -20.58 -16.97
N ILE C 341 -11.34 -19.47 -16.47
CA ILE C 341 -10.35 -19.56 -15.42
C ILE C 341 -10.98 -20.06 -14.12
N PHE C 342 -12.30 -19.91 -13.98
CA PHE C 342 -13.02 -20.46 -12.84
C PHE C 342 -13.32 -21.94 -12.98
N LYS C 343 -13.07 -22.53 -14.16
CA LYS C 343 -13.20 -23.97 -14.31
C LYS C 343 -12.14 -24.73 -13.53
N LEU C 344 -11.08 -24.05 -13.11
CA LEU C 344 -10.06 -24.68 -12.27
C LEU C 344 -10.55 -24.97 -10.86
N SER C 345 -11.68 -24.41 -10.45
CA SER C 345 -12.21 -24.68 -9.12
C SER C 345 -12.65 -26.11 -8.95
N ARG C 346 -12.86 -26.85 -10.05
CA ARG C 346 -13.21 -28.25 -9.94
C ARG C 346 -12.02 -29.09 -9.50
N HIS C 347 -10.82 -28.73 -9.95
CA HIS C 347 -9.61 -29.48 -9.66
C HIS C 347 -8.76 -28.84 -8.56
N SER C 348 -9.15 -27.68 -8.05
CA SER C 348 -8.39 -26.97 -7.02
C SER C 348 -9.23 -26.89 -5.76
N LYS C 349 -8.69 -27.38 -4.64
CA LYS C 349 -9.38 -27.29 -3.37
C LYS C 349 -9.31 -25.89 -2.78
N GLY C 350 -8.19 -25.19 -2.99
CA GLY C 350 -8.06 -23.84 -2.48
C GLY C 350 -9.08 -22.89 -3.11
N LEU C 351 -9.37 -23.07 -4.39
CA LEU C 351 -10.39 -22.26 -5.03
C LEU C 351 -11.77 -22.54 -4.44
N GLN C 352 -12.06 -23.80 -4.12
CA GLN C 352 -13.33 -24.12 -3.47
C GLN C 352 -13.41 -23.49 -2.09
N ILE C 353 -12.29 -23.50 -1.35
CA ILE C 353 -12.25 -22.87 -0.03
C ILE C 353 -12.51 -21.37 -0.15
N LEU C 354 -11.88 -20.74 -1.14
CA LEU C 354 -12.10 -19.31 -1.36
C LEU C 354 -13.54 -19.03 -1.74
N GLY C 355 -14.14 -19.89 -2.56
CA GLY C 355 -15.55 -19.70 -2.90
C GLY C 355 -16.46 -19.82 -1.70
N GLN C 356 -16.22 -20.81 -0.84
CA GLN C 356 -17.01 -20.95 0.37
C GLN C 356 -16.81 -19.76 1.31
N THR C 357 -15.58 -19.25 1.40
CA THR C 357 -15.32 -18.06 2.20
C THR C 357 -16.09 -16.86 1.67
N LEU C 358 -16.10 -16.67 0.35
CA LEU C 358 -16.84 -15.56 -0.24
C LEU C 358 -18.33 -15.72 0.01
N LYS C 359 -18.85 -16.94 -0.10
CA LYS C 359 -20.27 -17.17 0.18
C LYS C 359 -20.60 -16.86 1.64
N ALA C 360 -19.72 -17.25 2.56
CA ALA C 360 -19.98 -17.04 3.98
C ALA C 360 -19.75 -15.59 4.40
N SER C 361 -18.80 -14.90 3.78
CA SER C 361 -18.45 -13.53 4.14
C SER C 361 -19.14 -12.50 3.25
N MET C 362 -20.35 -12.80 2.77
CA MET C 362 -21.06 -11.85 1.91
C MET C 362 -21.40 -10.57 2.66
N ARG C 363 -21.83 -10.70 3.93
CA ARG C 363 -22.18 -9.51 4.70
C ARG C 363 -20.96 -8.63 4.95
N GLU C 364 -19.82 -9.24 5.27
CA GLU C 364 -18.61 -8.46 5.50
C GLU C 364 -18.13 -7.79 4.22
N LEU C 365 -18.23 -8.49 3.08
CA LEU C 365 -17.87 -7.88 1.81
C LEU C 365 -18.78 -6.70 1.49
N GLY C 366 -20.08 -6.85 1.73
CA GLY C 366 -21.00 -5.74 1.53
C GLY C 366 -20.71 -4.57 2.44
N LEU C 367 -20.36 -4.85 3.69
CA LEU C 367 -20.01 -3.79 4.63
C LEU C 367 -18.75 -3.06 4.17
N LEU C 368 -17.75 -3.81 3.69
CA LEU C 368 -16.54 -3.17 3.18
C LEU C 368 -16.85 -2.28 1.98
N ILE C 369 -17.69 -2.77 1.06
CA ILE C 369 -18.04 -1.98 -0.11
C ILE C 369 -18.81 -0.72 0.30
N PHE C 370 -19.74 -0.86 1.25
CA PHE C 370 -20.52 0.28 1.71
C PHE C 370 -19.65 1.33 2.38
N PHE C 371 -18.73 0.89 3.25
CA PHE C 371 -17.82 1.83 3.91
C PHE C 371 -16.91 2.50 2.91
N LEU C 372 -16.40 1.74 1.93
CA LEU C 372 -15.56 2.33 0.89
C LEU C 372 -16.32 3.37 0.10
N PHE C 373 -17.58 3.08 -0.25
CA PHE C 373 -18.39 4.04 -1.00
C PHE C 373 -18.62 5.31 -0.20
N ILE C 374 -18.92 5.17 1.10
CA ILE C 374 -19.14 6.35 1.94
C ILE C 374 -17.86 7.20 2.01
N GLY C 375 -16.72 6.55 2.26
CA GLY C 375 -15.47 7.29 2.34
C GLY C 375 -15.10 7.93 1.02
N VAL C 376 -15.37 7.24 -0.09
CA VAL C 376 -15.06 7.77 -1.41
C VAL C 376 -15.87 9.01 -1.69
N ILE C 377 -17.18 8.96 -1.40
CA ILE C 377 -18.01 10.14 -1.61
C ILE C 377 -17.52 11.30 -0.74
N LEU C 378 -17.26 11.01 0.53
CA LEU C 378 -16.83 12.06 1.46
C LEU C 378 -15.54 12.72 0.98
N PHE C 379 -14.52 11.93 0.70
CA PHE C 379 -13.22 12.51 0.34
C PHE C 379 -13.20 13.08 -1.06
N SER C 380 -14.00 12.54 -1.98
CA SER C 380 -14.11 13.13 -3.31
C SER C 380 -14.73 14.52 -3.22
N SER C 381 -15.80 14.66 -2.44
CA SER C 381 -16.38 15.99 -2.25
C SER C 381 -15.39 16.93 -1.58
N ALA C 382 -14.70 16.44 -0.54
CA ALA C 382 -13.76 17.28 0.19
C ALA C 382 -12.63 17.76 -0.71
N VAL C 383 -12.08 16.87 -1.54
CA VAL C 383 -10.93 17.24 -2.36
C VAL C 383 -11.37 18.07 -3.57
N TYR C 384 -12.59 17.87 -4.06
CA TYR C 384 -13.07 18.72 -5.15
C TYR C 384 -13.30 20.13 -4.67
N PHE C 385 -13.89 20.30 -3.48
CA PHE C 385 -14.14 21.65 -2.98
C PHE C 385 -12.89 22.30 -2.42
N ALA C 386 -11.92 21.50 -1.96
CA ALA C 386 -10.67 22.07 -1.47
C ALA C 386 -9.75 22.49 -2.61
N GLU C 387 -9.86 21.85 -3.76
CA GLU C 387 -8.97 22.12 -4.88
C GLU C 387 -9.77 22.59 -6.10
N ALA C 388 -10.71 23.50 -5.90
CA ALA C 388 -11.57 24.00 -6.97
C ALA C 388 -11.12 25.33 -7.54
N ASP C 389 -10.54 26.20 -6.72
CA ASP C 389 -10.17 27.53 -7.18
C ASP C 389 -8.77 27.55 -7.79
N GLU C 390 -8.49 26.62 -8.70
CA GLU C 390 -7.20 26.55 -9.37
C GLU C 390 -7.41 26.12 -10.81
N ARG C 391 -6.64 26.72 -11.72
CA ARG C 391 -6.64 26.27 -13.11
C ARG C 391 -5.86 24.97 -13.29
N ASP C 392 -4.83 24.75 -12.46
CA ASP C 392 -4.05 23.52 -12.48
C ASP C 392 -4.71 22.39 -11.69
N SER C 393 -6.00 22.52 -11.38
CA SER C 393 -6.68 21.50 -10.58
C SER C 393 -6.86 20.23 -11.40
N GLN C 394 -6.50 19.10 -10.81
CA GLN C 394 -6.62 17.81 -11.46
C GLN C 394 -7.95 17.14 -11.20
N PHE C 395 -8.83 17.77 -10.40
CA PHE C 395 -10.14 17.22 -10.05
C PHE C 395 -11.19 18.08 -10.72
N PRO C 396 -11.72 17.67 -11.88
CA PRO C 396 -12.75 18.48 -12.54
C PRO C 396 -14.11 18.38 -11.86
N SER C 397 -14.41 17.26 -11.22
CA SER C 397 -15.69 17.08 -10.56
C SER C 397 -15.58 15.97 -9.53
N ILE C 398 -16.62 15.83 -8.72
CA ILE C 398 -16.65 14.76 -7.72
C ILE C 398 -16.64 13.37 -8.35
N PRO C 399 -17.45 13.09 -9.38
CA PRO C 399 -17.37 11.75 -10.01
C PRO C 399 -15.99 11.43 -10.56
N ASP C 400 -15.25 12.43 -11.03
CA ASP C 400 -13.87 12.19 -11.43
C ASP C 400 -12.95 12.02 -10.21
N ALA C 401 -13.22 12.74 -9.13
CA ALA C 401 -12.47 12.56 -7.89
C ALA C 401 -12.73 11.21 -7.24
N PHE C 402 -13.76 10.49 -7.67
CA PHE C 402 -13.97 9.12 -7.21
C PHE C 402 -12.73 8.27 -7.48
N TRP C 403 -12.10 8.47 -8.64
CA TRP C 403 -10.90 7.71 -8.98
C TRP C 403 -9.78 7.99 -7.99
N TRP C 404 -9.55 9.26 -7.67
CA TRP C 404 -8.52 9.59 -6.70
C TRP C 404 -8.85 9.00 -5.33
N ALA C 405 -10.13 9.04 -4.94
CA ALA C 405 -10.52 8.51 -3.64
C ALA C 405 -10.28 7.01 -3.56
N VAL C 406 -10.68 6.26 -4.60
CA VAL C 406 -10.49 4.81 -4.57
C VAL C 406 -9.01 4.47 -4.65
N VAL C 407 -8.22 5.26 -5.37
CA VAL C 407 -6.79 4.98 -5.48
C VAL C 407 -6.09 5.26 -4.15
N SER C 408 -6.46 6.35 -3.47
CA SER C 408 -5.80 6.73 -2.23
C SER C 408 -6.23 5.87 -1.06
N MET C 409 -7.51 5.51 -0.99
CA MET C 409 -8.01 4.72 0.13
C MET C 409 -7.41 3.32 0.12
N THR C 410 -7.14 2.78 -1.06
CA THR C 410 -6.58 1.45 -1.22
C THR C 410 -5.05 1.44 -1.14
N THR C 411 -4.43 2.61 -0.91
CA THR C 411 -2.98 2.74 -0.85
C THR C 411 -2.32 2.29 -2.15
N VAL C 412 -2.99 2.51 -3.28
CA VAL C 412 -2.37 2.25 -4.57
C VAL C 412 -1.51 3.43 -5.00
N GLY C 413 -2.09 4.63 -5.00
CA GLY C 413 -1.34 5.83 -5.32
C GLY C 413 -0.76 5.83 -6.73
N TYR C 414 -1.64 5.88 -7.74
CA TYR C 414 -1.17 5.88 -9.12
C TYR C 414 -0.40 7.16 -9.44
N GLY C 415 -0.86 8.30 -8.93
CA GLY C 415 -0.21 9.57 -9.19
C GLY C 415 -0.73 10.32 -10.39
N ASP C 416 -1.68 9.75 -11.15
CA ASP C 416 -2.26 10.49 -12.26
C ASP C 416 -3.11 11.65 -11.78
N MET C 417 -3.69 11.54 -10.59
CA MET C 417 -4.48 12.60 -9.99
C MET C 417 -3.94 12.87 -8.60
N VAL C 418 -3.45 14.09 -8.38
CA VAL C 418 -2.80 14.43 -7.11
C VAL C 418 -3.26 15.82 -6.67
N PRO C 419 -3.64 15.99 -5.41
CA PRO C 419 -4.03 17.33 -4.94
C PRO C 419 -2.86 18.29 -4.97
N THR C 420 -3.18 19.58 -5.12
CA THR C 420 -2.18 20.63 -5.17
C THR C 420 -2.32 21.64 -4.04
N THR C 421 -3.55 22.06 -3.73
CA THR C 421 -3.77 23.02 -2.66
C THR C 421 -3.50 22.40 -1.30
N ILE C 422 -3.25 23.26 -0.31
CA ILE C 422 -2.96 22.77 1.04
C ILE C 422 -4.17 22.00 1.59
N GLY C 423 -5.37 22.53 1.39
CA GLY C 423 -6.56 21.78 1.78
C GLY C 423 -6.67 20.45 1.05
N GLY C 424 -6.27 20.43 -0.22
CA GLY C 424 -6.22 19.17 -0.94
C GLY C 424 -5.26 18.18 -0.32
N LYS C 425 -4.10 18.67 0.13
CA LYS C 425 -3.12 17.80 0.78
C LYS C 425 -3.66 17.25 2.10
N ILE C 426 -4.33 18.08 2.88
CA ILE C 426 -4.92 17.62 4.13
C ILE C 426 -5.99 16.57 3.85
N VAL C 427 -6.84 16.81 2.85
CA VAL C 427 -7.87 15.85 2.49
C VAL C 427 -7.24 14.55 2.01
N GLY C 428 -6.11 14.63 1.29
CA GLY C 428 -5.44 13.42 0.86
C GLY C 428 -4.87 12.62 2.01
N SER C 429 -4.29 13.30 3.00
CA SER C 429 -3.83 12.61 4.20
C SER C 429 -4.97 11.88 4.89
N LEU C 430 -6.08 12.60 5.10
CA LEU C 430 -7.24 11.99 5.74
C LEU C 430 -7.77 10.82 4.92
N CYS C 431 -7.78 10.96 3.59
CA CYS C 431 -8.25 9.88 2.73
C CYS C 431 -7.39 8.65 2.86
N ALA C 432 -6.06 8.82 2.88
CA ALA C 432 -5.17 7.67 3.04
C ALA C 432 -5.41 6.97 4.36
N ILE C 433 -5.45 7.73 5.47
CA ILE C 433 -5.60 7.11 6.78
C ILE C 433 -6.95 6.40 6.90
N ALA C 434 -8.03 7.08 6.49
CA ALA C 434 -9.35 6.50 6.61
C ALA C 434 -9.54 5.31 5.68
N GLY C 435 -8.91 5.32 4.50
CA GLY C 435 -8.96 4.16 3.64
C GLY C 435 -8.25 2.98 4.24
N VAL C 436 -7.08 3.20 4.85
CA VAL C 436 -6.40 2.12 5.54
C VAL C 436 -7.29 1.51 6.61
N LEU C 437 -7.91 2.38 7.43
CA LEU C 437 -8.78 1.88 8.50
C LEU C 437 -9.98 1.12 7.95
N THR C 438 -10.64 1.68 6.93
CA THR C 438 -11.84 1.06 6.37
C THR C 438 -11.52 -0.29 5.76
N ILE C 439 -10.42 -0.41 5.01
CA ILE C 439 -10.04 -1.71 4.48
C ILE C 439 -9.72 -2.67 5.61
N ALA C 440 -9.00 -2.19 6.64
CA ALA C 440 -8.59 -3.09 7.72
C ALA C 440 -9.74 -3.50 8.62
N LEU C 441 -10.90 -2.89 8.51
CA LEU C 441 -11.96 -3.32 9.43
C LEU C 441 -12.57 -4.68 9.07
N PRO C 442 -13.13 -4.92 7.88
CA PRO C 442 -13.74 -6.24 7.61
C PRO C 442 -12.75 -7.34 7.24
N VAL C 443 -11.51 -6.97 6.90
CA VAL C 443 -10.55 -7.96 6.42
C VAL C 443 -10.25 -9.03 7.47
N PRO C 444 -10.03 -8.71 8.75
CA PRO C 444 -9.84 -9.78 9.73
C PRO C 444 -11.00 -10.74 9.84
N VAL C 445 -12.24 -10.26 9.71
CA VAL C 445 -13.39 -11.16 9.74
C VAL C 445 -13.36 -12.10 8.53
N ILE C 446 -13.10 -11.55 7.35
CA ILE C 446 -13.03 -12.38 6.15
C ILE C 446 -11.89 -13.40 6.27
N VAL C 447 -10.77 -12.97 6.85
CA VAL C 447 -9.62 -13.86 7.01
C VAL C 447 -9.91 -14.97 8.00
N SER C 448 -10.61 -14.64 9.08
CA SER C 448 -11.03 -15.67 10.03
C SER C 448 -11.94 -16.69 9.37
N ASN C 449 -12.88 -16.22 8.55
CA ASN C 449 -13.74 -17.15 7.81
C ASN C 449 -12.92 -18.04 6.88
N PHE C 450 -11.95 -17.45 6.17
CA PHE C 450 -11.12 -18.24 5.27
C PHE C 450 -10.31 -19.28 6.04
N ASN C 451 -9.73 -18.90 7.18
CA ASN C 451 -8.96 -19.84 7.96
C ASN C 451 -9.82 -20.97 8.49
N TYR C 452 -11.04 -20.64 8.93
CA TYR C 452 -11.95 -21.69 9.39
C TYR C 452 -12.28 -22.67 8.28
N PHE C 453 -12.55 -22.17 7.07
CA PHE C 453 -12.83 -23.06 5.96
C PHE C 453 -11.58 -23.78 5.46
N TYR C 454 -10.39 -23.23 5.75
CA TYR C 454 -9.15 -23.79 5.24
C TYR C 454 -8.65 -24.93 6.10
N HIS C 455 -8.64 -24.74 7.43
CA HIS C 455 -8.21 -25.80 8.33
C HIS C 455 -9.29 -26.84 8.58
N ARG C 456 -10.52 -26.59 8.13
CA ARG C 456 -11.58 -27.59 8.26
C ARG C 456 -11.30 -28.82 7.39
N GLU C 457 -10.49 -28.65 6.33
CA GLU C 457 -10.19 -29.77 5.45
C GLU C 457 -9.44 -30.88 6.18
N THR C 458 -8.50 -30.52 7.03
CA THR C 458 -7.74 -31.50 7.80
C THR C 458 -8.30 -31.64 9.21
N ARG D 175 -37.08 2.59 25.25
CA ARG D 175 -37.84 3.47 24.36
C ARG D 175 -39.31 3.10 24.34
N PRO D 176 -40.13 3.82 25.11
CA PRO D 176 -41.55 3.53 25.16
C PRO D 176 -42.33 4.36 24.14
N LEU D 177 -43.56 3.93 23.88
CA LEU D 177 -44.43 4.64 22.97
C LEU D 177 -44.84 5.98 23.57
N PRO D 178 -45.20 6.95 22.73
CA PRO D 178 -45.59 8.27 23.26
C PRO D 178 -46.78 8.21 24.19
N GLU D 179 -47.73 7.31 23.96
CA GLU D 179 -48.94 7.14 24.77
C GLU D 179 -50.03 8.16 24.46
N ASN D 180 -49.89 8.96 23.41
CA ASN D 180 -50.89 9.94 23.03
C ASN D 180 -52.00 9.36 22.18
N GLU D 181 -51.87 8.09 21.76
CA GLU D 181 -52.89 7.42 20.96
C GLU D 181 -52.86 7.86 19.50
N PHE D 182 -52.13 8.92 19.20
CA PHE D 182 -51.86 9.33 17.83
C PHE D 182 -50.38 9.55 17.56
N GLN D 183 -49.64 10.08 18.54
CA GLN D 183 -48.21 10.24 18.37
C GLN D 183 -47.50 8.89 18.35
N ARG D 184 -48.04 7.90 19.09
CA ARG D 184 -47.43 6.58 19.11
C ARG D 184 -47.46 5.92 17.74
N GLN D 185 -48.58 6.06 17.02
CA GLN D 185 -48.69 5.45 15.70
C GLN D 185 -47.67 6.06 14.73
N VAL D 186 -47.55 7.39 14.73
CA VAL D 186 -46.60 8.04 13.83
C VAL D 186 -45.16 7.69 14.22
N TRP D 187 -44.87 7.64 15.52
CA TRP D 187 -43.53 7.28 15.97
C TRP D 187 -43.18 5.86 15.54
N LEU D 188 -44.12 4.93 15.69
CA LEU D 188 -43.87 3.56 15.25
C LEU D 188 -43.70 3.49 13.74
N LEU D 189 -44.49 4.27 12.99
CA LEU D 189 -44.39 4.27 11.54
C LEU D 189 -43.04 4.79 11.08
N PHE D 190 -42.53 5.85 11.72
CA PHE D 190 -41.33 6.54 11.26
C PHE D 190 -40.08 6.16 12.05
N GLU D 191 -40.16 5.18 12.93
CA GLU D 191 -39.00 4.78 13.72
C GLU D 191 -38.64 3.31 13.60
N TYR D 192 -39.64 2.43 13.55
CA TYR D 192 -39.39 0.99 13.50
C TYR D 192 -39.86 0.42 12.16
N PRO D 193 -38.98 0.25 11.19
CA PRO D 193 -39.43 -0.24 9.87
C PRO D 193 -40.05 -1.62 9.91
N GLU D 194 -39.58 -2.49 10.80
CA GLU D 194 -40.08 -3.86 10.85
C GLU D 194 -41.46 -3.97 11.48
N SER D 195 -41.99 -2.88 12.03
CA SER D 195 -43.28 -2.95 12.72
C SER D 195 -44.41 -3.33 11.76
N SER D 196 -44.41 -2.77 10.56
CA SER D 196 -45.48 -3.05 9.60
C SER D 196 -44.97 -2.81 8.19
N GLY D 197 -45.81 -3.13 7.22
CA GLY D 197 -45.51 -2.92 5.82
C GLY D 197 -45.34 -1.46 5.44
N PRO D 198 -46.26 -0.59 5.88
CA PRO D 198 -46.07 0.85 5.66
C PRO D 198 -44.77 1.38 6.25
N ALA D 199 -44.36 0.88 7.40
CA ALA D 199 -43.09 1.31 7.97
C ALA D 199 -41.92 0.90 7.08
N ARG D 200 -41.97 -0.32 6.54
CA ARG D 200 -40.92 -0.76 5.64
C ARG D 200 -40.90 0.06 4.35
N ILE D 201 -42.07 0.38 3.81
CA ILE D 201 -42.09 1.18 2.57
C ILE D 201 -41.60 2.60 2.84
N ILE D 202 -41.90 3.14 4.02
CA ILE D 202 -41.37 4.46 4.38
C ILE D 202 -39.85 4.40 4.50
N ALA D 203 -39.32 3.32 5.10
CA ALA D 203 -37.87 3.17 5.20
C ALA D 203 -37.23 3.09 3.82
N ILE D 204 -37.83 2.32 2.91
CA ILE D 204 -37.29 2.20 1.56
C ILE D 204 -37.35 3.55 0.84
N VAL D 205 -38.45 4.29 1.01
CA VAL D 205 -38.57 5.60 0.38
C VAL D 205 -37.49 6.55 0.91
N SER D 206 -37.26 6.54 2.23
CA SER D 206 -36.22 7.38 2.79
C SER D 206 -34.85 7.02 2.25
N VAL D 207 -34.55 5.72 2.16
CA VAL D 207 -33.26 5.28 1.64
C VAL D 207 -33.09 5.75 0.19
N MET D 208 -34.13 5.56 -0.63
CA MET D 208 -34.04 5.95 -2.03
C MET D 208 -33.87 7.45 -2.16
N VAL D 209 -34.55 8.22 -1.31
CA VAL D 209 -34.40 9.67 -1.33
C VAL D 209 -32.98 10.07 -0.96
N ILE D 210 -32.39 9.41 0.04
CA ILE D 210 -31.03 9.74 0.45
C ILE D 210 -30.04 9.48 -0.69
N LEU D 211 -30.13 8.29 -1.31
CA LEU D 211 -29.24 8.03 -2.44
C LEU D 211 -29.52 8.94 -3.64
N ILE D 212 -30.78 9.32 -3.87
CA ILE D 212 -31.08 10.26 -4.95
C ILE D 212 -30.42 11.61 -4.68
N SER D 213 -30.48 12.07 -3.43
CA SER D 213 -29.83 13.32 -3.06
C SER D 213 -28.32 13.22 -3.23
N ILE D 214 -27.74 12.08 -2.85
CA ILE D 214 -26.29 11.90 -3.01
C ILE D 214 -25.91 11.95 -4.49
N VAL D 215 -26.68 11.26 -5.33
CA VAL D 215 -26.38 11.23 -6.76
C VAL D 215 -26.52 12.63 -7.36
N SER D 216 -27.57 13.36 -6.97
CA SER D 216 -27.74 14.71 -7.48
C SER D 216 -26.60 15.63 -7.05
N PHE D 217 -26.19 15.53 -5.78
CA PHE D 217 -25.10 16.36 -5.29
C PHE D 217 -23.80 16.05 -6.03
N CYS D 218 -23.53 14.76 -6.29
CA CYS D 218 -22.33 14.40 -7.01
C CYS D 218 -22.38 14.85 -8.46
N LEU D 219 -23.55 14.72 -9.10
CA LEU D 219 -23.69 15.06 -10.51
C LEU D 219 -23.75 16.56 -10.77
N GLU D 220 -24.09 17.36 -9.77
CA GLU D 220 -24.13 18.80 -9.96
C GLU D 220 -22.78 19.39 -10.33
N THR D 221 -21.69 18.68 -10.06
CA THR D 221 -20.35 19.19 -10.29
C THR D 221 -19.80 18.85 -11.66
N LEU D 222 -20.52 18.04 -12.46
CA LEU D 222 -20.00 17.64 -13.75
C LEU D 222 -19.91 18.85 -14.69
N PRO D 223 -18.85 18.94 -15.50
CA PRO D 223 -18.74 20.08 -16.42
C PRO D 223 -19.84 20.16 -17.44
N ILE D 224 -20.51 19.03 -17.75
CA ILE D 224 -21.57 19.05 -18.76
C ILE D 224 -22.69 20.00 -18.35
N PHE D 225 -23.11 19.95 -17.09
CA PHE D 225 -24.13 20.85 -16.60
C PHE D 225 -23.56 22.15 -16.05
N ARG D 226 -22.31 22.14 -15.58
CA ARG D 226 -21.72 23.34 -14.99
C ARG D 226 -21.41 24.38 -16.05
N ASP D 227 -20.82 23.96 -17.18
CA ASP D 227 -20.50 24.90 -18.24
C ASP D 227 -21.76 25.37 -18.96
N GLU D 228 -22.73 24.48 -19.14
CA GLU D 228 -23.97 24.81 -19.85
C GLU D 228 -25.04 25.24 -18.84
N ASN D 229 -24.75 26.35 -18.17
CA ASN D 229 -25.67 26.91 -17.19
C ASN D 229 -26.07 28.33 -17.56
N SER D 243 -24.11 31.68 -8.24
CA SER D 243 -25.19 31.18 -9.08
C SER D 243 -25.12 29.66 -9.20
N GLN D 244 -25.20 29.16 -10.44
CA GLN D 244 -25.16 27.73 -10.67
C GLN D 244 -23.78 27.13 -10.38
N SER D 245 -22.75 27.96 -10.30
CA SER D 245 -21.41 27.49 -9.99
C SER D 245 -21.06 27.62 -8.51
N THR D 246 -21.51 28.70 -7.86
CA THR D 246 -21.23 28.89 -6.44
C THR D 246 -22.09 28.00 -5.55
N ILE D 247 -23.34 27.77 -5.93
CA ILE D 247 -24.27 27.00 -5.12
C ILE D 247 -24.69 25.68 -5.76
N GLY D 248 -24.57 25.54 -7.08
CA GLY D 248 -25.00 24.33 -7.76
C GLY D 248 -26.43 24.30 -8.20
N TYR D 249 -27.22 25.32 -7.87
CA TYR D 249 -28.61 25.38 -8.28
C TYR D 249 -29.05 26.84 -8.32
N GLN D 250 -30.14 27.09 -9.04
CA GLN D 250 -30.72 28.42 -9.16
C GLN D 250 -32.04 28.45 -8.41
N GLN D 251 -32.12 29.32 -7.40
CA GLN D 251 -33.31 29.42 -6.57
C GLN D 251 -34.26 30.45 -7.17
N SER D 252 -35.42 29.98 -7.63
CA SER D 252 -36.43 30.85 -8.22
C SER D 252 -37.78 30.18 -8.14
N THR D 253 -38.84 30.98 -8.32
CA THR D 253 -40.19 30.43 -8.30
C THR D 253 -40.42 29.49 -9.48
N SER D 254 -39.84 29.81 -10.64
CA SER D 254 -40.03 28.97 -11.82
C SER D 254 -39.46 27.57 -11.60
N PHE D 255 -38.29 27.48 -10.96
CA PHE D 255 -37.63 26.20 -10.68
C PHE D 255 -37.36 25.43 -11.97
N THR D 256 -36.64 26.08 -12.88
CA THR D 256 -36.32 25.47 -14.16
C THR D 256 -35.21 24.42 -14.05
N ASP D 257 -34.26 24.63 -13.15
CA ASP D 257 -33.11 23.73 -13.05
C ASP D 257 -33.53 22.38 -12.49
N PRO D 258 -33.30 21.28 -13.22
CA PRO D 258 -33.66 19.96 -12.67
C PRO D 258 -32.93 19.62 -11.38
N PHE D 259 -31.67 20.04 -11.26
CA PHE D 259 -30.92 19.77 -10.03
C PHE D 259 -31.54 20.48 -8.84
N PHE D 260 -32.00 21.71 -9.04
CA PHE D 260 -32.69 22.41 -7.95
C PHE D 260 -33.98 21.71 -7.59
N ILE D 261 -34.71 21.18 -8.58
CA ILE D 261 -35.95 20.46 -8.30
C ILE D 261 -35.66 19.23 -7.46
N VAL D 262 -34.64 18.45 -7.86
CA VAL D 262 -34.29 17.24 -7.11
C VAL D 262 -33.85 17.60 -5.69
N GLU D 263 -33.01 18.64 -5.56
CA GLU D 263 -32.52 19.03 -4.24
C GLU D 263 -33.66 19.52 -3.34
N THR D 264 -34.60 20.29 -3.89
CA THR D 264 -35.69 20.79 -3.08
C THR D 264 -36.67 19.67 -2.71
N LEU D 265 -36.86 18.68 -3.58
CA LEU D 265 -37.69 17.54 -3.21
C LEU D 265 -37.03 16.73 -2.09
N CYS D 266 -35.73 16.49 -2.21
CA CYS D 266 -35.03 15.76 -1.15
C CYS D 266 -35.05 16.52 0.17
N ILE D 267 -34.87 17.84 0.11
CA ILE D 267 -34.89 18.65 1.32
C ILE D 267 -36.28 18.68 1.93
N ILE D 268 -37.33 18.74 1.10
CA ILE D 268 -38.68 18.74 1.63
C ILE D 268 -38.99 17.40 2.29
N TRP D 269 -38.51 16.29 1.73
CA TRP D 269 -38.70 15.01 2.38
C TRP D 269 -37.93 14.93 3.70
N PHE D 270 -36.69 15.43 3.71
CA PHE D 270 -35.91 15.43 4.94
C PHE D 270 -36.58 16.26 6.02
N SER D 271 -37.10 17.43 5.65
CA SER D 271 -37.77 18.29 6.62
C SER D 271 -39.06 17.66 7.12
N PHE D 272 -39.82 17.01 6.24
CA PHE D 272 -41.03 16.33 6.67
C PHE D 272 -40.72 15.21 7.66
N GLU D 273 -39.70 14.40 7.34
CA GLU D 273 -39.31 13.32 8.24
C GLU D 273 -38.82 13.87 9.59
N PHE D 274 -38.01 14.93 9.56
CA PHE D 274 -37.50 15.48 10.79
C PHE D 274 -38.61 16.08 11.65
N LEU D 275 -39.56 16.78 11.01
CA LEU D 275 -40.68 17.34 11.76
C LEU D 275 -41.54 16.24 12.36
N VAL D 276 -41.78 15.16 11.62
CA VAL D 276 -42.55 14.04 12.16
C VAL D 276 -41.83 13.43 13.36
N ARG D 277 -40.51 13.21 13.23
CA ARG D 277 -39.77 12.61 14.33
C ARG D 277 -39.70 13.53 15.54
N PHE D 278 -39.66 14.84 15.33
CA PHE D 278 -39.63 15.78 16.45
C PHE D 278 -40.98 15.92 17.12
N PHE D 279 -42.07 15.88 16.35
CA PHE D 279 -43.41 15.98 16.92
C PHE D 279 -43.91 14.66 17.51
N ALA D 280 -43.27 13.53 17.15
CA ALA D 280 -43.66 12.24 17.69
C ALA D 280 -42.68 11.70 18.72
N CYS D 281 -41.62 12.44 19.03
CA CYS D 281 -40.64 11.97 20.01
C CYS D 281 -41.19 12.15 21.42
N PRO D 282 -41.29 11.07 22.21
CA PRO D 282 -41.79 11.24 23.58
C PRO D 282 -40.95 12.17 24.45
N SER D 283 -39.64 12.18 24.26
CA SER D 283 -38.73 13.00 25.04
C SER D 283 -38.15 14.07 24.11
N LYS D 284 -38.85 15.20 24.01
CA LYS D 284 -38.36 16.31 23.19
C LYS D 284 -37.09 16.93 23.77
N ALA D 285 -36.93 16.88 25.09
CA ALA D 285 -35.72 17.42 25.70
C ALA D 285 -34.49 16.61 25.31
N GLY D 286 -34.61 15.29 25.30
CA GLY D 286 -33.53 14.42 24.90
C GLY D 286 -33.45 14.14 23.40
N PHE D 287 -34.33 14.76 22.61
CA PHE D 287 -34.31 14.54 21.17
C PHE D 287 -33.04 15.08 20.53
N PHE D 288 -32.58 16.26 20.96
CA PHE D 288 -31.45 16.92 20.34
C PHE D 288 -30.11 16.39 20.82
N THR D 289 -30.10 15.37 21.67
CA THR D 289 -28.86 14.77 22.13
C THR D 289 -28.38 13.64 21.23
N ASN D 290 -29.30 12.90 20.61
CA ASN D 290 -28.92 11.81 19.73
C ASN D 290 -28.18 12.34 18.50
N ILE D 291 -27.08 11.66 18.14
CA ILE D 291 -26.30 12.07 16.98
C ILE D 291 -27.09 11.86 15.69
N MET D 292 -27.95 10.85 15.63
CA MET D 292 -28.72 10.59 14.42
C MET D 292 -29.69 11.71 14.07
N ASN D 293 -30.07 12.54 15.06
CA ASN D 293 -30.90 13.71 14.78
C ASN D 293 -30.06 14.95 14.48
N ILE D 294 -28.88 15.06 15.10
CA ILE D 294 -27.94 16.10 14.72
C ILE D 294 -27.54 15.96 13.26
N ILE D 295 -27.41 14.71 12.79
CA ILE D 295 -27.08 14.46 11.40
C ILE D 295 -28.20 14.98 10.49
N ASP D 296 -29.45 14.73 10.86
CA ASP D 296 -30.57 15.23 10.07
C ASP D 296 -30.59 16.75 10.06
N ILE D 297 -30.37 17.38 11.21
CA ILE D 297 -30.35 18.83 11.27
C ILE D 297 -29.24 19.41 10.40
N VAL D 298 -28.06 18.77 10.44
CA VAL D 298 -26.92 19.24 9.64
C VAL D 298 -27.20 19.06 8.15
N ALA D 299 -27.85 17.96 7.78
CA ALA D 299 -28.20 17.76 6.38
C ALA D 299 -29.34 18.67 5.92
N ILE D 300 -30.10 19.23 6.86
CA ILE D 300 -31.20 20.11 6.50
C ILE D 300 -30.76 21.57 6.42
N ILE D 301 -29.86 22.01 7.32
CA ILE D 301 -29.59 23.45 7.46
C ILE D 301 -29.07 24.12 6.18
N PRO D 302 -28.07 23.57 5.47
CA PRO D 302 -27.41 24.40 4.43
C PRO D 302 -28.35 24.86 3.33
N TYR D 303 -29.32 24.04 2.95
CA TYR D 303 -30.29 24.45 1.95
C TYR D 303 -31.06 25.68 2.41
N PHE D 304 -31.52 25.67 3.66
CA PHE D 304 -32.27 26.81 4.18
C PHE D 304 -31.37 28.03 4.39
N ILE D 305 -30.11 27.81 4.74
CA ILE D 305 -29.17 28.92 4.86
C ILE D 305 -29.00 29.60 3.49
N THR D 306 -28.81 28.81 2.44
CA THR D 306 -28.71 29.38 1.10
C THR D 306 -30.00 30.08 0.70
N LEU D 307 -31.15 29.47 1.01
CA LEU D 307 -32.43 30.09 0.67
C LEU D 307 -32.60 31.44 1.36
N GLY D 308 -32.23 31.52 2.64
CA GLY D 308 -32.29 32.79 3.34
C GLY D 308 -31.32 33.81 2.80
N THR D 309 -30.12 33.37 2.40
CA THR D 309 -29.14 34.28 1.83
C THR D 309 -29.64 34.87 0.52
N GLU D 310 -30.21 34.03 -0.35
CA GLU D 310 -30.74 34.52 -1.61
C GLU D 310 -32.12 35.15 -1.48
N LEU D 311 -32.73 35.10 -0.29
CA LEU D 311 -34.04 35.71 -0.08
C LEU D 311 -33.92 37.22 0.10
N SER D 326 -18.73 37.74 1.05
CA SER D 326 -18.52 36.38 1.55
C SER D 326 -18.69 35.36 0.43
N LEU D 327 -17.60 34.67 0.10
CA LEU D 327 -17.60 33.64 -0.92
C LEU D 327 -17.13 32.28 -0.41
N ALA D 328 -16.13 32.26 0.47
CA ALA D 328 -15.66 31.01 1.03
C ALA D 328 -16.69 30.39 1.97
N ILE D 329 -17.52 31.21 2.60
CA ILE D 329 -18.59 30.69 3.46
C ILE D 329 -19.57 29.86 2.65
N LEU D 330 -19.96 30.36 1.48
CA LEU D 330 -20.88 29.60 0.62
C LEU D 330 -20.24 28.30 0.15
N ARG D 331 -18.94 28.35 -0.17
CA ARG D 331 -18.25 27.13 -0.60
C ARG D 331 -18.19 26.10 0.53
N VAL D 332 -17.90 26.53 1.76
CA VAL D 332 -17.85 25.57 2.86
C VAL D 332 -19.25 25.05 3.20
N ILE D 333 -20.28 25.88 3.01
CA ILE D 333 -21.65 25.41 3.23
C ILE D 333 -22.01 24.35 2.19
N ARG D 334 -21.68 24.60 0.92
CA ARG D 334 -21.93 23.60 -0.12
C ARG D 334 -21.08 22.36 0.09
N LEU D 335 -19.92 22.49 0.75
CA LEU D 335 -19.13 21.32 1.12
C LEU D 335 -19.82 20.50 2.20
N VAL D 336 -20.27 21.16 3.28
CA VAL D 336 -20.97 20.44 4.35
C VAL D 336 -22.35 19.95 3.91
N ARG D 337 -22.81 20.37 2.74
CA ARG D 337 -24.00 19.75 2.15
C ARG D 337 -23.83 18.26 1.91
N VAL D 338 -22.59 17.76 1.85
CA VAL D 338 -22.35 16.34 1.64
C VAL D 338 -22.68 15.49 2.85
N PHE D 339 -22.93 16.09 4.00
CA PHE D 339 -23.15 15.32 5.22
C PHE D 339 -24.50 14.63 5.26
N ARG D 340 -25.27 14.60 4.17
CA ARG D 340 -26.45 13.75 4.11
C ARG D 340 -26.10 12.31 3.79
N ILE D 341 -24.84 12.02 3.46
CA ILE D 341 -24.41 10.63 3.30
C ILE D 341 -24.42 9.92 4.63
N PHE D 342 -24.31 10.67 5.74
CA PHE D 342 -24.38 10.09 7.07
C PHE D 342 -25.81 9.80 7.51
N LYS D 343 -26.81 10.28 6.78
CA LYS D 343 -28.19 9.95 7.09
C LYS D 343 -28.52 8.49 6.84
N LEU D 344 -27.65 7.77 6.12
CA LEU D 344 -27.84 6.34 5.92
C LEU D 344 -27.56 5.54 7.20
N SER D 345 -26.93 6.16 8.20
CA SER D 345 -26.63 5.45 9.44
C SER D 345 -27.90 5.03 10.16
N ARG D 346 -29.00 5.75 9.96
CA ARG D 346 -30.27 5.35 10.56
C ARG D 346 -30.76 4.03 9.96
N HIS D 347 -30.63 3.87 8.65
CA HIS D 347 -31.12 2.68 7.97
C HIS D 347 -30.06 1.60 7.81
N SER D 348 -28.83 1.85 8.23
CA SER D 348 -27.74 0.89 8.09
C SER D 348 -27.19 0.55 9.47
N LYS D 349 -27.17 -0.74 9.80
CA LYS D 349 -26.63 -1.17 11.07
C LYS D 349 -25.11 -1.09 11.11
N GLY D 350 -24.44 -1.53 10.04
CA GLY D 350 -23.00 -1.52 10.01
C GLY D 350 -22.41 -0.13 10.20
N LEU D 351 -23.10 0.88 9.69
CA LEU D 351 -22.66 2.26 9.93
C LEU D 351 -22.76 2.60 11.42
N GLN D 352 -23.80 2.12 12.10
CA GLN D 352 -23.92 2.35 13.54
C GLN D 352 -22.81 1.63 14.30
N ILE D 353 -22.47 0.41 13.91
CA ILE D 353 -21.35 -0.28 14.53
C ILE D 353 -20.05 0.48 14.30
N LEU D 354 -19.85 1.00 13.08
CA LEU D 354 -18.65 1.78 12.80
C LEU D 354 -18.60 3.04 13.65
N GLY D 355 -19.74 3.71 13.82
CA GLY D 355 -19.78 4.89 14.66
C GLY D 355 -19.47 4.58 16.12
N GLN D 356 -20.03 3.48 16.63
CA GLN D 356 -19.73 3.07 18.00
C GLN D 356 -18.27 2.71 18.17
N THR D 357 -17.69 2.07 17.14
CA THR D 357 -16.26 1.75 17.19
C THR D 357 -15.41 3.01 17.22
N LEU D 358 -15.77 4.01 16.40
CA LEU D 358 -15.04 5.27 16.42
C LEU D 358 -15.17 5.98 17.77
N LYS D 359 -16.37 5.92 18.36
CA LYS D 359 -16.55 6.50 19.69
C LYS D 359 -15.71 5.80 20.73
N ALA D 360 -15.63 4.47 20.66
CA ALA D 360 -14.89 3.71 21.66
C ALA D 360 -13.39 3.80 21.48
N SER D 361 -12.91 3.98 20.26
CA SER D 361 -11.48 4.00 19.95
C SER D 361 -10.96 5.41 19.73
N MET D 362 -11.47 6.37 20.49
CA MET D 362 -11.02 7.75 20.34
C MET D 362 -9.56 7.91 20.77
N ARG D 363 -9.18 7.30 21.90
CA ARG D 363 -7.81 7.42 22.37
C ARG D 363 -6.82 6.79 21.38
N GLU D 364 -7.18 5.63 20.82
CA GLU D 364 -6.29 4.96 19.89
C GLU D 364 -6.18 5.72 18.58
N LEU D 365 -7.29 6.30 18.11
CA LEU D 365 -7.23 7.14 16.91
C LEU D 365 -6.36 8.36 17.16
N GLY D 366 -6.50 8.99 18.33
CA GLY D 366 -5.64 10.12 18.65
C GLY D 366 -4.18 9.73 18.74
N LEU D 367 -3.90 8.54 19.30
CA LEU D 367 -2.52 8.05 19.36
C LEU D 367 -1.96 7.83 17.96
N LEU D 368 -2.78 7.27 17.06
CA LEU D 368 -2.33 7.09 15.68
C LEU D 368 -2.03 8.42 15.02
N ILE D 369 -2.90 9.41 15.22
CA ILE D 369 -2.67 10.73 14.63
C ILE D 369 -1.41 11.36 15.19
N PHE D 370 -1.20 11.23 16.52
CA PHE D 370 -0.02 11.79 17.16
C PHE D 370 1.26 11.14 16.64
N PHE D 371 1.25 9.81 16.52
CA PHE D 371 2.42 9.11 16.02
C PHE D 371 2.70 9.48 14.56
N LEU D 372 1.64 9.57 13.75
CA LEU D 372 1.81 9.99 12.37
C LEU D 372 2.39 11.40 12.28
N PHE D 373 1.92 12.31 13.13
CA PHE D 373 2.44 13.67 13.14
C PHE D 373 3.91 13.69 13.50
N ILE D 374 4.31 12.93 14.53
CA ILE D 374 5.71 12.91 14.93
C ILE D 374 6.58 12.35 13.82
N GLY D 375 6.17 11.23 13.22
CA GLY D 375 6.94 10.65 12.14
C GLY D 375 7.01 11.56 10.93
N VAL D 376 5.90 12.23 10.61
CA VAL D 376 5.88 13.14 9.47
C VAL D 376 6.84 14.29 9.68
N ILE D 377 6.83 14.89 10.88
CA ILE D 377 7.76 15.98 11.16
C ILE D 377 9.19 15.51 11.04
N LEU D 378 9.49 14.35 11.65
CA LEU D 378 10.87 13.85 11.65
C LEU D 378 11.36 13.58 10.24
N PHE D 379 10.57 12.86 9.44
CA PHE D 379 11.04 12.47 8.12
C PHE D 379 10.99 13.64 7.14
N SER D 380 10.07 14.59 7.32
CA SER D 380 10.08 15.79 6.50
C SER D 380 11.33 16.60 6.75
N SER D 381 11.73 16.76 8.02
CA SER D 381 12.96 17.47 8.32
C SER D 381 14.17 16.74 7.74
N ALA D 382 14.21 15.41 7.90
CA ALA D 382 15.34 14.64 7.39
C ALA D 382 15.44 14.74 5.87
N VAL D 383 14.31 14.63 5.16
CA VAL D 383 14.34 14.63 3.71
C VAL D 383 14.59 16.03 3.17
N TYR D 384 14.17 17.08 3.90
CA TYR D 384 14.48 18.42 3.46
C TYR D 384 15.96 18.72 3.61
N PHE D 385 16.53 18.40 4.77
CA PHE D 385 17.94 18.72 5.00
C PHE D 385 18.88 17.80 4.24
N ALA D 386 18.44 16.59 3.90
CA ALA D 386 19.27 15.71 3.09
C ALA D 386 19.31 16.13 1.63
N GLU D 387 18.28 16.83 1.16
CA GLU D 387 18.19 17.22 -0.24
C GLU D 387 17.96 18.72 -0.39
N ALA D 388 18.74 19.52 0.33
CA ALA D 388 18.57 20.97 0.31
C ALA D 388 19.59 21.68 -0.58
N ASP D 389 20.76 21.08 -0.81
CA ASP D 389 21.82 21.69 -1.60
C ASP D 389 21.73 21.33 -3.08
N GLU D 390 20.55 21.01 -3.58
CA GLU D 390 20.35 20.65 -4.97
C GLU D 390 19.69 21.80 -5.72
N ARG D 391 20.17 22.07 -6.93
CA ARG D 391 19.66 23.19 -7.72
C ARG D 391 18.18 22.98 -8.05
N ASP D 392 17.80 21.78 -8.44
CA ASP D 392 16.42 21.44 -8.75
C ASP D 392 15.97 20.36 -7.76
N SER D 393 15.49 20.81 -6.60
CA SER D 393 15.05 19.91 -5.54
C SER D 393 13.53 19.92 -5.47
N GLN D 394 12.97 18.74 -5.19
CA GLN D 394 11.52 18.58 -5.14
C GLN D 394 10.93 18.99 -3.79
N PHE D 395 11.77 19.31 -2.80
CA PHE D 395 11.28 19.72 -1.49
C PHE D 395 11.66 21.17 -1.22
N PRO D 396 10.78 22.13 -1.53
CA PRO D 396 11.11 23.53 -1.22
C PRO D 396 11.31 23.80 0.25
N SER D 397 10.57 23.12 1.13
CA SER D 397 10.70 23.34 2.57
C SER D 397 10.10 22.14 3.30
N ILE D 398 10.23 22.17 4.63
CA ILE D 398 9.67 21.10 5.46
C ILE D 398 8.15 21.03 5.36
N PRO D 399 7.40 22.14 5.46
CA PRO D 399 5.94 22.03 5.29
C PRO D 399 5.52 21.44 3.97
N ASP D 400 6.28 21.66 2.89
CA ASP D 400 6.00 20.98 1.64
C ASP D 400 6.43 19.51 1.68
N ALA D 401 7.48 19.20 2.43
CA ALA D 401 7.88 17.81 2.63
C ALA D 401 6.88 17.04 3.47
N PHE D 402 5.97 17.73 4.17
CA PHE D 402 4.90 17.05 4.88
C PHE D 402 4.09 16.17 3.94
N TRP D 403 3.85 16.65 2.72
CA TRP D 403 3.07 15.88 1.74
C TRP D 403 3.78 14.59 1.37
N TRP D 404 5.08 14.67 1.11
CA TRP D 404 5.86 13.47 0.79
C TRP D 404 5.86 12.52 1.99
N ALA D 405 5.99 13.05 3.20
CA ALA D 405 5.99 12.21 4.38
C ALA D 405 4.65 11.49 4.55
N VAL D 406 3.54 12.20 4.37
CA VAL D 406 2.24 11.58 4.60
C VAL D 406 1.92 10.58 3.50
N VAL D 407 2.41 10.79 2.28
CA VAL D 407 2.18 9.80 1.23
C VAL D 407 3.17 8.64 1.29
N SER D 408 4.27 8.78 2.04
CA SER D 408 5.19 7.67 2.21
C SER D 408 4.86 6.80 3.41
N MET D 409 4.49 7.41 4.54
CA MET D 409 4.12 6.61 5.71
C MET D 409 2.89 5.76 5.43
N THR D 410 1.89 6.32 4.76
CA THR D 410 0.71 5.56 4.38
C THR D 410 0.94 4.63 3.20
N THR D 411 2.13 4.69 2.60
CA THR D 411 2.52 3.87 1.45
C THR D 411 1.63 4.11 0.24
N VAL D 412 0.98 5.28 0.17
CA VAL D 412 0.28 5.67 -1.05
C VAL D 412 1.29 5.96 -2.16
N GLY D 413 2.32 6.75 -1.84
CA GLY D 413 3.38 7.04 -2.78
C GLY D 413 2.90 7.66 -4.07
N TYR D 414 2.42 8.91 -4.00
CA TYR D 414 1.86 9.56 -5.18
C TYR D 414 2.92 9.77 -6.26
N GLY D 415 4.18 9.96 -5.88
CA GLY D 415 5.25 10.14 -6.82
C GLY D 415 5.47 11.57 -7.27
N ASP D 416 4.59 12.50 -6.88
CA ASP D 416 4.81 13.90 -7.23
C ASP D 416 6.05 14.46 -6.54
N MET D 417 6.26 14.09 -5.29
CA MET D 417 7.46 14.44 -4.54
C MET D 417 8.27 13.17 -4.31
N VAL D 418 9.51 13.15 -4.79
CA VAL D 418 10.35 11.96 -4.73
C VAL D 418 11.78 12.38 -4.39
N PRO D 419 12.43 11.73 -3.43
CA PRO D 419 13.82 12.06 -3.13
C PRO D 419 14.75 11.70 -4.27
N THR D 420 15.86 12.43 -4.37
CA THR D 420 16.84 12.23 -5.42
C THR D 420 18.21 11.82 -4.90
N THR D 421 18.72 12.52 -3.89
CA THR D 421 20.05 12.23 -3.39
C THR D 421 20.05 10.95 -2.55
N ILE D 422 21.25 10.42 -2.32
CA ILE D 422 21.38 9.17 -1.59
C ILE D 422 20.80 9.29 -0.18
N GLY D 423 21.12 10.38 0.50
CA GLY D 423 20.54 10.61 1.82
C GLY D 423 19.02 10.70 1.77
N GLY D 424 18.49 11.36 0.73
CA GLY D 424 17.06 11.43 0.57
C GLY D 424 16.43 10.06 0.37
N LYS D 425 17.09 9.20 -0.40
CA LYS D 425 16.56 7.86 -0.64
C LYS D 425 16.60 7.00 0.63
N ILE D 426 17.68 7.11 1.40
CA ILE D 426 17.76 6.41 2.68
C ILE D 426 16.66 6.88 3.62
N VAL D 427 16.46 8.20 3.70
CA VAL D 427 15.41 8.76 4.53
C VAL D 427 14.04 8.28 4.05
N GLY D 428 13.86 8.16 2.73
CA GLY D 428 12.58 7.69 2.21
C GLY D 428 12.29 6.25 2.57
N SER D 429 13.30 5.38 2.48
CA SER D 429 13.11 3.99 2.90
C SER D 429 12.78 3.92 4.39
N LEU D 430 13.50 4.68 5.21
CA LEU D 430 13.22 4.70 6.64
C LEU D 430 11.81 5.22 6.89
N CYS D 431 11.37 6.22 6.13
CA CYS D 431 10.03 6.77 6.29
C CYS D 431 8.98 5.73 5.95
N ALA D 432 9.19 4.97 4.88
CA ALA D 432 8.24 3.92 4.51
C ALA D 432 8.11 2.88 5.63
N ILE D 433 9.25 2.42 6.14
CA ILE D 433 9.22 1.38 7.18
C ILE D 433 8.56 1.91 8.45
N ALA D 434 8.96 3.11 8.89
CA ALA D 434 8.39 3.67 10.10
C ALA D 434 6.91 3.95 9.94
N GLY D 435 6.47 4.39 8.76
CA GLY D 435 5.06 4.65 8.55
C GLY D 435 4.23 3.38 8.58
N VAL D 436 4.69 2.30 7.94
CA VAL D 436 3.91 1.08 7.98
C VAL D 436 3.86 0.53 9.41
N LEU D 437 4.97 0.61 10.15
CA LEU D 437 4.95 0.16 11.55
C LEU D 437 3.99 1.00 12.39
N THR D 438 4.05 2.33 12.25
CA THR D 438 3.21 3.21 13.03
C THR D 438 1.73 2.98 12.73
N ILE D 439 1.38 2.81 11.45
CA ILE D 439 0.00 2.51 11.10
C ILE D 439 -0.43 1.17 11.69
N ALA D 440 0.44 0.16 11.59
CA ALA D 440 0.10 -1.16 12.11
C ALA D 440 0.02 -1.22 13.63
N LEU D 441 0.53 -0.21 14.33
CA LEU D 441 0.49 -0.29 15.79
C LEU D 441 -0.94 -0.30 16.37
N PRO D 442 -1.80 0.71 16.13
CA PRO D 442 -3.12 0.71 16.77
C PRO D 442 -4.25 0.15 15.92
N VAL D 443 -3.97 -0.20 14.66
CA VAL D 443 -5.00 -0.79 13.81
C VAL D 443 -5.56 -2.08 14.39
N PRO D 444 -4.76 -3.00 14.94
CA PRO D 444 -5.36 -4.18 15.59
C PRO D 444 -6.26 -3.85 16.76
N VAL D 445 -5.95 -2.82 17.54
CA VAL D 445 -6.82 -2.44 18.65
C VAL D 445 -8.16 -1.93 18.12
N ILE D 446 -8.11 -1.05 17.12
CA ILE D 446 -9.36 -0.54 16.55
C ILE D 446 -10.14 -1.68 15.89
N VAL D 447 -9.45 -2.64 15.28
CA VAL D 447 -10.12 -3.77 14.65
C VAL D 447 -10.79 -4.65 15.70
N SER D 448 -10.11 -4.86 16.83
CA SER D 448 -10.71 -5.64 17.91
C SER D 448 -11.96 -4.96 18.45
N ASN D 449 -11.90 -3.63 18.61
CA ASN D 449 -13.08 -2.89 19.03
C ASN D 449 -14.23 -3.05 18.03
N PHE D 450 -13.92 -2.91 16.74
CA PHE D 450 -14.95 -3.07 15.72
C PHE D 450 -15.54 -4.47 15.73
N ASN D 451 -14.70 -5.49 15.87
CA ASN D 451 -15.20 -6.87 15.87
C ASN D 451 -16.05 -7.13 17.10
N TYR D 452 -15.67 -6.59 18.25
CA TYR D 452 -16.50 -6.73 19.45
C TYR D 452 -17.86 -6.09 19.24
N PHE D 453 -17.89 -4.89 18.66
CA PHE D 453 -19.18 -4.26 18.39
C PHE D 453 -19.95 -4.95 17.27
N TYR D 454 -19.26 -5.65 16.38
CA TYR D 454 -19.89 -6.29 15.24
C TYR D 454 -20.55 -7.62 15.62
N HIS D 455 -19.89 -8.39 16.48
CA HIS D 455 -20.45 -9.64 16.96
C HIS D 455 -21.33 -9.45 18.19
N ARG D 456 -21.46 -8.22 18.68
CA ARG D 456 -22.31 -7.96 19.84
C ARG D 456 -23.79 -8.11 19.51
N GLU D 457 -24.18 -7.78 18.27
CA GLU D 457 -25.58 -7.86 17.89
C GLU D 457 -26.08 -9.30 17.92
N THR D 458 -25.27 -10.24 17.47
CA THR D 458 -25.66 -11.66 17.48
C THR D 458 -24.94 -12.41 18.59
N ARG E 175 10.78 6.67 43.80
CA ARG E 175 10.21 7.99 43.56
C ARG E 175 10.28 8.84 44.82
N PRO E 176 11.38 8.71 45.57
CA PRO E 176 11.52 9.50 46.79
C PRO E 176 11.64 10.98 46.50
N LEU E 177 11.17 11.79 47.46
CA LEU E 177 11.27 13.23 47.34
C LEU E 177 12.70 13.67 47.62
N PRO E 178 13.08 14.88 47.16
CA PRO E 178 14.44 15.36 47.42
C PRO E 178 14.77 15.49 48.90
N GLU E 179 13.79 15.84 49.73
CA GLU E 179 13.93 15.95 51.19
C GLU E 179 14.59 17.23 51.66
N ASN E 180 14.82 18.21 50.77
CA ASN E 180 15.39 19.48 51.18
C ASN E 180 14.36 20.47 51.68
N GLU E 181 13.07 20.15 51.57
CA GLU E 181 11.99 21.02 52.01
C GLU E 181 11.77 22.18 51.05
N PHE E 182 12.70 22.38 50.13
CA PHE E 182 12.51 23.28 48.98
C PHE E 182 12.85 22.59 47.68
N GLN E 183 13.86 21.73 47.65
CA GLN E 183 14.13 20.93 46.47
C GLN E 183 13.00 19.94 46.20
N ARG E 184 12.41 19.41 47.27
CA ARG E 184 11.28 18.50 47.11
C ARG E 184 10.09 19.21 46.47
N GLN E 185 9.81 20.45 46.90
CA GLN E 185 8.70 21.19 46.32
C GLN E 185 8.93 21.47 44.84
N VAL E 186 10.16 21.86 44.48
CA VAL E 186 10.47 22.14 43.07
C VAL E 186 10.38 20.87 42.23
N TRP E 187 10.89 19.74 42.76
CA TRP E 187 10.81 18.49 42.03
C TRP E 187 9.37 18.05 41.84
N LEU E 188 8.54 18.22 42.87
CA LEU E 188 7.12 17.91 42.75
C LEU E 188 6.45 18.80 41.72
N LEU E 189 6.80 20.09 41.71
CA LEU E 189 6.19 21.02 40.76
C LEU E 189 6.57 20.68 39.33
N PHE E 190 7.84 20.32 39.09
CA PHE E 190 8.35 20.11 37.74
C PHE E 190 8.41 18.64 37.34
N GLU E 191 7.84 17.74 38.13
CA GLU E 191 7.93 16.32 37.80
C GLU E 191 6.57 15.63 37.74
N TYR E 192 5.63 16.00 38.61
CA TYR E 192 4.32 15.36 38.68
C TYR E 192 3.24 16.41 38.37
N PRO E 193 2.79 16.49 37.12
CA PRO E 193 1.80 17.53 36.76
C PRO E 193 0.49 17.40 37.52
N GLU E 194 0.04 16.17 37.79
CA GLU E 194 -1.25 15.98 38.45
C GLU E 194 -1.20 16.29 39.94
N SER E 195 -0.01 16.49 40.51
CA SER E 195 0.10 16.69 41.95
C SER E 195 -0.60 17.98 42.39
N SER E 196 -0.43 19.06 41.62
CA SER E 196 -1.01 20.33 42.00
C SER E 196 -1.39 21.12 40.75
N GLY E 197 -2.21 22.13 40.95
CA GLY E 197 -2.64 23.00 39.86
C GLY E 197 -1.51 23.73 39.17
N PRO E 198 -0.60 24.35 39.94
CA PRO E 198 0.60 24.94 39.32
C PRO E 198 1.42 23.94 38.54
N ALA E 199 1.50 22.68 38.99
CA ALA E 199 2.21 21.67 38.21
C ALA E 199 1.54 21.42 36.87
N ARG E 200 0.21 21.37 36.85
CA ARG E 200 -0.50 21.22 35.58
C ARG E 200 -0.28 22.43 34.68
N ILE E 201 -0.27 23.63 35.27
CA ILE E 201 -0.02 24.84 34.48
C ILE E 201 1.38 24.79 33.87
N ILE E 202 2.37 24.37 34.65
CA ILE E 202 3.74 24.26 34.15
C ILE E 202 3.81 23.23 33.03
N ALA E 203 3.12 22.10 33.19
CA ALA E 203 3.11 21.08 32.15
C ALA E 203 2.49 21.60 30.85
N ILE E 204 1.37 22.33 30.96
CA ILE E 204 0.73 22.88 29.77
C ILE E 204 1.63 23.91 29.11
N VAL E 205 2.29 24.75 29.92
CA VAL E 205 3.20 25.75 29.37
C VAL E 205 4.35 25.08 28.64
N SER E 206 4.91 24.02 29.22
CA SER E 206 5.99 23.30 28.55
C SER E 206 5.53 22.67 27.24
N VAL E 207 4.33 22.08 27.24
CA VAL E 207 3.81 21.47 26.02
C VAL E 207 3.64 22.54 24.93
N MET E 208 3.08 23.70 25.30
CA MET E 208 2.92 24.78 24.33
C MET E 208 4.27 25.30 23.85
N VAL E 209 5.28 25.33 24.72
CA VAL E 209 6.60 25.80 24.32
C VAL E 209 7.22 24.84 23.31
N ILE E 210 7.11 23.53 23.56
CA ILE E 210 7.63 22.57 22.59
C ILE E 210 6.90 22.68 21.26
N LEU E 211 5.56 22.81 21.31
CA LEU E 211 4.81 22.94 20.06
C LEU E 211 5.20 24.21 19.31
N ILE E 212 5.39 25.32 20.02
CA ILE E 212 5.81 26.56 19.39
C ILE E 212 7.19 26.41 18.76
N SER E 213 8.10 25.72 19.46
CA SER E 213 9.43 25.48 18.91
C SER E 213 9.36 24.65 17.64
N ILE E 214 8.51 23.62 17.62
CA ILE E 214 8.37 22.79 16.43
C ILE E 214 7.80 23.59 15.27
N VAL E 215 6.78 24.42 15.55
CA VAL E 215 6.18 25.24 14.49
C VAL E 215 7.21 26.22 13.94
N SER E 216 7.98 26.86 14.83
CA SER E 216 9.00 27.80 14.37
C SER E 216 10.07 27.10 13.55
N PHE E 217 10.49 25.91 13.98
CA PHE E 217 11.50 25.17 13.23
C PHE E 217 10.98 24.79 11.84
N CYS E 218 9.71 24.40 11.76
CA CYS E 218 9.14 24.04 10.46
C CYS E 218 8.99 25.26 9.56
N LEU E 219 8.58 26.40 10.12
CA LEU E 219 8.41 27.62 9.34
C LEU E 219 9.74 28.27 8.97
N GLU E 220 10.82 27.94 9.67
CA GLU E 220 12.13 28.52 9.35
C GLU E 220 12.55 28.19 7.93
N THR E 221 12.11 27.06 7.39
CA THR E 221 12.52 26.59 6.08
C THR E 221 11.69 27.16 4.94
N LEU E 222 10.61 27.86 5.24
CA LEU E 222 9.74 28.36 4.19
C LEU E 222 10.48 29.37 3.32
N PRO E 223 10.35 29.28 1.99
CA PRO E 223 11.07 30.22 1.12
C PRO E 223 10.64 31.66 1.30
N ILE E 224 9.44 31.91 1.82
CA ILE E 224 8.96 33.28 2.00
C ILE E 224 9.89 34.04 2.93
N PHE E 225 10.28 33.42 4.04
CA PHE E 225 11.22 34.04 4.98
C PHE E 225 12.67 33.75 4.61
N ARG E 226 12.93 32.61 3.96
CA ARG E 226 14.31 32.23 3.66
C ARG E 226 14.90 33.13 2.59
N ASP E 227 14.16 33.38 1.51
CA ASP E 227 14.66 34.25 0.46
C ASP E 227 14.62 35.72 0.89
N GLU E 228 13.54 36.13 1.55
CA GLU E 228 13.39 37.51 2.01
C GLU E 228 13.93 37.64 3.44
N ASN E 229 15.25 37.54 3.54
CA ASN E 229 15.92 37.66 4.82
C ASN E 229 16.62 39.01 4.95
N SER E 243 23.96 32.76 7.06
CA SER E 243 23.31 33.19 8.28
C SER E 243 21.88 32.66 8.36
N GLN E 244 20.96 33.33 7.67
CA GLN E 244 19.56 32.91 7.66
C GLN E 244 19.35 31.64 6.87
N SER E 245 20.33 31.18 6.11
CA SER E 245 20.24 29.93 5.35
C SER E 245 21.10 28.81 5.91
N THR E 246 22.24 29.14 6.53
CA THR E 246 23.09 28.11 7.10
C THR E 246 22.50 27.56 8.39
N ILE E 247 21.88 28.40 9.20
CA ILE E 247 21.31 27.99 10.47
C ILE E 247 19.82 28.30 10.59
N GLY E 248 19.27 29.11 9.70
CA GLY E 248 17.86 29.47 9.74
C GLY E 248 17.55 30.74 10.50
N TYR E 249 18.47 31.23 11.33
CA TYR E 249 18.24 32.46 12.09
C TYR E 249 19.56 33.19 12.25
N GLN E 250 19.47 34.49 12.45
CA GLN E 250 20.63 35.36 12.58
C GLN E 250 20.89 35.64 14.06
N GLN E 251 22.09 35.29 14.52
CA GLN E 251 22.49 35.53 15.91
C GLN E 251 23.08 36.93 16.02
N SER E 252 22.35 37.83 16.66
CA SER E 252 22.79 39.21 16.81
C SER E 252 22.26 39.77 18.13
N THR E 253 22.93 40.80 18.62
CA THR E 253 22.52 41.44 19.87
C THR E 253 21.15 42.10 19.72
N SER E 254 20.90 42.73 18.57
CA SER E 254 19.60 43.37 18.35
C SER E 254 18.47 42.35 18.32
N PHE E 255 18.72 41.19 17.70
CA PHE E 255 17.74 40.11 17.59
C PHE E 255 16.48 40.59 16.87
N THR E 256 16.67 41.04 15.63
CA THR E 256 15.56 41.51 14.82
C THR E 256 14.72 40.38 14.25
N ASP E 257 15.33 39.22 13.99
CA ASP E 257 14.63 38.11 13.38
C ASP E 257 13.61 37.52 14.34
N PRO E 258 12.32 37.46 13.97
CA PRO E 258 11.35 36.83 14.87
C PRO E 258 11.63 35.37 15.15
N PHE E 259 12.16 34.65 14.15
CA PHE E 259 12.47 33.24 14.35
C PHE E 259 13.57 33.06 15.39
N PHE E 260 14.58 33.93 15.36
CA PHE E 260 15.64 33.86 16.37
C PHE E 260 15.07 34.15 17.76
N ILE E 261 14.15 35.10 17.86
CA ILE E 261 13.55 35.42 19.15
C ILE E 261 12.77 34.23 19.69
N VAL E 262 11.97 33.60 18.83
CA VAL E 262 11.18 32.43 19.26
C VAL E 262 12.10 31.30 19.66
N GLU E 263 13.14 31.04 18.88
CA GLU E 263 14.07 29.97 19.21
C GLU E 263 14.79 30.26 20.52
N THR E 264 15.19 31.51 20.75
CA THR E 264 15.85 31.87 22.00
C THR E 264 14.92 31.67 23.19
N LEU E 265 13.65 32.06 23.06
CA LEU E 265 12.70 31.87 24.15
C LEU E 265 12.50 30.38 24.44
N CYS E 266 12.32 29.57 23.40
CA CYS E 266 12.12 28.15 23.60
C CYS E 266 13.36 27.51 24.24
N ILE E 267 14.55 27.91 23.78
CA ILE E 267 15.78 27.32 24.31
C ILE E 267 16.01 27.75 25.75
N ILE E 268 15.70 29.00 26.10
CA ILE E 268 15.89 29.45 27.47
C ILE E 268 14.91 28.75 28.40
N TRP E 269 13.67 28.52 27.93
CA TRP E 269 12.74 27.73 28.72
C TRP E 269 13.23 26.30 28.92
N PHE E 270 13.75 25.69 27.84
CA PHE E 270 14.27 24.33 27.95
C PHE E 270 15.44 24.26 28.93
N SER E 271 16.35 25.24 28.86
CA SER E 271 17.50 25.24 29.76
C SER E 271 17.07 25.48 31.20
N PHE E 272 16.10 26.37 31.42
CA PHE E 272 15.62 26.59 32.78
C PHE E 272 14.99 25.32 33.35
N GLU E 273 14.16 24.63 32.55
CA GLU E 273 13.56 23.40 33.02
C GLU E 273 14.61 22.34 33.31
N PHE E 274 15.59 22.20 32.41
CA PHE E 274 16.64 21.19 32.62
C PHE E 274 17.47 21.49 33.85
N LEU E 275 17.81 22.77 34.06
CA LEU E 275 18.59 23.14 35.24
C LEU E 275 17.79 22.89 36.52
N VAL E 276 16.50 23.20 36.51
CA VAL E 276 15.66 22.92 37.68
C VAL E 276 15.62 21.43 37.96
N ARG E 277 15.43 20.61 36.92
CA ARG E 277 15.40 19.17 37.11
C ARG E 277 16.73 18.63 37.62
N PHE E 278 17.83 19.16 37.11
CA PHE E 278 19.15 18.69 37.55
C PHE E 278 19.46 19.12 38.96
N PHE E 279 18.97 20.29 39.38
CA PHE E 279 19.21 20.79 40.73
C PHE E 279 18.20 20.26 41.75
N ALA E 280 17.12 19.64 41.29
CA ALA E 280 16.14 19.05 42.18
C ALA E 280 16.07 17.53 42.08
N CYS E 281 16.96 16.91 41.31
CA CYS E 281 16.94 15.46 41.17
C CYS E 281 17.56 14.82 42.41
N PRO E 282 16.85 13.92 43.10
CA PRO E 282 17.45 13.26 44.26
C PRO E 282 18.71 12.48 43.95
N SER E 283 18.78 11.85 42.78
CA SER E 283 19.93 11.04 42.37
C SER E 283 20.56 11.71 41.15
N LYS E 284 21.51 12.62 41.41
CA LYS E 284 22.18 13.32 40.31
C LYS E 284 23.09 12.38 39.53
N ALA E 285 23.62 11.34 40.18
CA ALA E 285 24.48 10.39 39.48
C ALA E 285 23.72 9.63 38.42
N GLY E 286 22.50 9.20 38.73
CA GLY E 286 21.66 8.49 37.79
C GLY E 286 20.77 9.37 36.93
N PHE E 287 20.92 10.68 37.01
CA PHE E 287 20.08 11.58 36.22
C PHE E 287 20.36 11.43 34.72
N PHE E 288 21.63 11.30 34.35
CA PHE E 288 22.01 11.21 32.94
C PHE E 288 21.80 9.83 32.34
N THR E 289 21.22 8.90 33.10
CA THR E 289 20.92 7.57 32.57
C THR E 289 19.55 7.52 31.89
N ASN E 290 18.57 8.27 32.40
CA ASN E 290 17.25 8.30 31.80
C ASN E 290 17.31 8.91 30.40
N ILE E 291 16.70 8.24 29.43
CA ILE E 291 16.72 8.75 28.06
C ILE E 291 15.83 9.98 27.93
N MET E 292 14.86 10.13 28.83
CA MET E 292 14.00 11.32 28.79
C MET E 292 14.76 12.59 29.16
N ASN E 293 15.92 12.45 29.80
CA ASN E 293 16.79 13.59 30.08
C ASN E 293 17.84 13.77 28.99
N ILE E 294 18.34 12.66 28.44
CA ILE E 294 19.22 12.74 27.28
C ILE E 294 18.51 13.46 26.14
N ILE E 295 17.19 13.28 26.04
CA ILE E 295 16.42 14.04 25.06
C ILE E 295 16.53 15.53 25.32
N ASP E 296 16.45 15.94 26.58
CA ASP E 296 16.54 17.36 26.91
C ASP E 296 17.92 17.92 26.59
N ILE E 297 18.97 17.18 26.94
CA ILE E 297 20.33 17.63 26.59
C ILE E 297 20.50 17.74 25.09
N VAL E 298 19.98 16.76 24.34
CA VAL E 298 20.11 16.78 22.89
C VAL E 298 19.36 17.96 22.29
N ALA E 299 18.18 18.27 22.84
CA ALA E 299 17.41 19.41 22.35
C ALA E 299 18.02 20.74 22.75
N ILE E 300 18.85 20.76 23.80
CA ILE E 300 19.43 22.01 24.28
C ILE E 300 20.77 22.30 23.61
N ILE E 301 21.56 21.27 23.30
CA ILE E 301 22.95 21.50 22.87
C ILE E 301 23.05 22.32 21.58
N PRO E 302 22.32 22.01 20.49
CA PRO E 302 22.70 22.62 19.20
C PRO E 302 22.63 24.13 19.17
N TYR E 303 21.66 24.73 19.87
CA TYR E 303 21.58 26.18 19.92
C TYR E 303 22.83 26.77 20.55
N PHE E 304 23.28 26.19 21.65
CA PHE E 304 24.48 26.69 22.31
C PHE E 304 25.74 26.38 21.51
N ILE E 305 25.74 25.29 20.73
CA ILE E 305 26.87 25.01 19.85
C ILE E 305 26.99 26.10 18.80
N THR E 306 25.87 26.47 18.17
CA THR E 306 25.91 27.55 17.19
C THR E 306 26.27 28.88 17.85
N LEU E 307 25.76 29.13 19.05
CA LEU E 307 26.11 30.36 19.76
C LEU E 307 27.61 30.44 20.05
N GLY E 308 28.20 29.32 20.50
CA GLY E 308 29.61 29.30 20.77
C GLY E 308 30.46 29.47 19.53
N THR E 309 30.10 28.77 18.44
CA THR E 309 30.87 28.88 17.22
C THR E 309 30.65 30.21 16.51
N GLU E 310 29.59 30.93 16.86
CA GLU E 310 29.37 32.26 16.27
C GLU E 310 30.37 33.27 16.81
N LEU E 311 30.76 33.14 18.08
CA LEU E 311 31.71 34.07 18.69
C LEU E 311 33.05 33.39 18.93
N SER E 326 33.71 24.40 8.13
CA SER E 326 32.85 23.25 7.89
C SER E 326 31.41 23.68 7.66
N LEU E 327 30.81 23.16 6.60
CA LEU E 327 29.43 23.48 6.23
C LEU E 327 28.46 22.34 6.48
N ALA E 328 28.86 21.10 6.21
CA ALA E 328 27.97 19.97 6.47
C ALA E 328 27.71 19.79 7.95
N ILE E 329 28.64 20.20 8.81
CA ILE E 329 28.44 20.11 10.25
C ILE E 329 27.27 20.98 10.67
N LEU E 330 27.18 22.20 10.12
CA LEU E 330 26.07 23.08 10.45
C LEU E 330 24.75 22.49 9.97
N ARG E 331 24.73 21.87 8.79
CA ARG E 331 23.51 21.23 8.31
C ARG E 331 23.11 20.06 9.21
N VAL E 332 24.09 19.28 9.68
CA VAL E 332 23.79 18.17 10.60
C VAL E 332 23.24 18.69 11.91
N ILE E 333 23.80 19.80 12.41
CA ILE E 333 23.29 20.40 13.64
C ILE E 333 21.85 20.88 13.44
N ARG E 334 21.59 21.55 12.32
CA ARG E 334 20.22 22.01 12.04
C ARG E 334 19.27 20.82 11.90
N LEU E 335 19.76 19.69 11.40
CA LEU E 335 18.94 18.50 11.28
C LEU E 335 18.61 17.91 12.65
N VAL E 336 19.62 17.75 13.51
CA VAL E 336 19.39 17.23 14.86
C VAL E 336 18.64 18.22 15.75
N ARG E 337 18.48 19.47 15.30
CA ARG E 337 17.61 20.41 16.00
C ARG E 337 16.14 19.99 16.00
N VAL E 338 15.76 19.01 15.17
CA VAL E 338 14.38 18.52 15.15
C VAL E 338 14.08 17.56 16.27
N PHE E 339 15.09 17.14 17.04
CA PHE E 339 14.87 16.13 18.07
C PHE E 339 14.09 16.64 19.27
N ARG E 340 13.79 17.94 19.33
CA ARG E 340 12.92 18.45 20.39
C ARG E 340 11.48 17.98 20.25
N ILE E 341 11.12 17.38 19.11
CA ILE E 341 9.81 16.73 19.00
C ILE E 341 9.73 15.53 19.92
N PHE E 342 10.88 14.95 20.31
CA PHE E 342 10.90 13.85 21.27
C PHE E 342 10.78 14.33 22.71
N LYS E 343 10.82 15.65 22.95
CA LYS E 343 10.58 16.16 24.29
C LYS E 343 9.13 16.00 24.71
N LEU E 344 8.23 15.69 23.77
CA LEU E 344 6.84 15.44 24.10
C LEU E 344 6.64 14.12 24.82
N SER E 345 7.64 13.23 24.81
CA SER E 345 7.51 11.94 25.48
C SER E 345 7.33 12.10 26.98
N ARG E 346 7.83 13.20 27.55
CA ARG E 346 7.62 13.47 28.96
C ARG E 346 6.15 13.65 29.28
N HIS E 347 5.42 14.38 28.44
CA HIS E 347 4.02 14.69 28.67
C HIS E 347 3.06 13.75 27.95
N SER E 348 3.57 12.72 27.28
CA SER E 348 2.74 11.79 26.52
C SER E 348 3.00 10.37 27.01
N LYS E 349 1.94 9.70 27.42
CA LYS E 349 2.06 8.30 27.83
C LYS E 349 2.18 7.38 26.62
N GLY E 350 1.51 7.73 25.52
CA GLY E 350 1.61 6.92 24.32
C GLY E 350 3.00 6.90 23.74
N LEU E 351 3.71 8.03 23.79
CA LEU E 351 5.09 8.07 23.31
C LEU E 351 6.00 7.22 24.18
N GLN E 352 5.78 7.24 25.50
CA GLN E 352 6.56 6.38 26.39
C GLN E 352 6.28 4.91 26.11
N ILE E 353 5.01 4.57 25.84
CA ILE E 353 4.67 3.19 25.50
C ILE E 353 5.34 2.77 24.21
N LEU E 354 5.36 3.67 23.21
CA LEU E 354 6.04 3.37 21.95
C LEU E 354 7.53 3.19 22.17
N GLY E 355 8.14 4.03 23.01
CA GLY E 355 9.55 3.86 23.31
C GLY E 355 9.86 2.54 23.99
N GLN E 356 9.01 2.15 24.94
CA GLN E 356 9.19 0.85 25.60
C GLN E 356 9.02 -0.29 24.61
N THR E 357 8.06 -0.17 23.69
CA THR E 357 7.87 -1.20 22.66
C THR E 357 9.11 -1.31 21.77
N LEU E 358 9.67 -0.16 21.38
CA LEU E 358 10.88 -0.18 20.55
C LEU E 358 12.05 -0.80 21.31
N LYS E 359 12.18 -0.47 22.60
CA LYS E 359 13.25 -1.06 23.40
C LYS E 359 13.10 -2.57 23.53
N ALA E 360 11.86 -3.04 23.70
CA ALA E 360 11.61 -4.47 23.86
C ALA E 360 11.70 -5.22 22.54
N SER E 361 11.31 -4.59 21.43
CA SER E 361 11.28 -5.25 20.13
C SER E 361 12.51 -4.95 19.29
N MET E 362 13.68 -4.81 19.92
CA MET E 362 14.90 -4.54 19.17
C MET E 362 15.26 -5.71 18.25
N ARG E 363 15.13 -6.94 18.75
CA ARG E 363 15.48 -8.10 17.94
C ARG E 363 14.57 -8.21 16.72
N GLU E 364 13.26 -7.97 16.90
CA GLU E 364 12.34 -8.05 15.78
C GLU E 364 12.61 -6.96 14.75
N LEU E 365 12.94 -5.75 15.21
CA LEU E 365 13.29 -4.68 14.29
C LEU E 365 14.54 -5.02 13.50
N GLY E 366 15.55 -5.58 14.18
CA GLY E 366 16.76 -6.00 13.48
C GLY E 366 16.49 -7.10 12.47
N LEU E 367 15.61 -8.05 12.82
CA LEU E 367 15.25 -9.11 11.88
C LEU E 367 14.51 -8.54 10.67
N LEU E 368 13.61 -7.58 10.90
CA LEU E 368 12.92 -6.94 9.79
C LEU E 368 13.90 -6.24 8.87
N ILE E 369 14.85 -5.50 9.44
CA ILE E 369 15.85 -4.80 8.63
C ILE E 369 16.70 -5.79 7.85
N PHE E 370 17.11 -6.88 8.50
CA PHE E 370 17.95 -7.89 7.83
C PHE E 370 17.20 -8.54 6.68
N PHE E 371 15.94 -8.94 6.92
CA PHE E 371 15.15 -9.56 5.87
C PHE E 371 14.92 -8.62 4.70
N LEU E 372 14.61 -7.35 5.02
CA LEU E 372 14.39 -6.36 3.96
C LEU E 372 15.66 -6.13 3.16
N PHE E 373 16.81 -6.07 3.83
CA PHE E 373 18.07 -5.89 3.12
C PHE E 373 18.37 -7.07 2.20
N ILE E 374 18.13 -8.29 2.67
CA ILE E 374 18.37 -9.47 1.84
C ILE E 374 17.47 -9.46 0.61
N GLY E 375 16.18 -9.19 0.82
CA GLY E 375 15.26 -9.12 -0.31
C GLY E 375 15.61 -8.00 -1.28
N VAL E 376 16.04 -6.86 -0.75
CA VAL E 376 16.41 -5.73 -1.60
C VAL E 376 17.62 -6.09 -2.45
N ILE E 377 18.62 -6.74 -1.86
CA ILE E 377 19.78 -7.16 -2.64
C ILE E 377 19.36 -8.13 -3.74
N LEU E 378 18.55 -9.13 -3.38
CA LEU E 378 18.09 -10.11 -4.36
C LEU E 378 17.40 -9.44 -5.53
N PHE E 379 16.41 -8.61 -5.25
CA PHE E 379 15.57 -8.07 -6.32
C PHE E 379 16.25 -6.93 -7.07
N SER E 380 17.15 -6.19 -6.42
CA SER E 380 17.95 -5.21 -7.14
C SER E 380 18.87 -5.89 -8.15
N SER E 381 19.54 -6.97 -7.73
CA SER E 381 20.38 -7.70 -8.67
C SER E 381 19.53 -8.28 -9.81
N ALA E 382 18.37 -8.87 -9.47
CA ALA E 382 17.53 -9.47 -10.49
C ALA E 382 17.04 -8.43 -11.49
N VAL E 383 16.60 -7.26 -11.02
CA VAL E 383 16.04 -6.26 -11.91
C VAL E 383 17.14 -5.55 -12.70
N TYR E 384 18.35 -5.45 -12.15
CA TYR E 384 19.45 -4.87 -12.91
C TYR E 384 19.88 -5.80 -14.04
N PHE E 385 20.01 -7.09 -13.74
CA PHE E 385 20.48 -8.03 -14.75
C PHE E 385 19.40 -8.38 -15.78
N ALA E 386 18.13 -8.36 -15.37
CA ALA E 386 17.05 -8.62 -16.31
C ALA E 386 16.78 -7.45 -17.25
N GLU E 387 17.13 -6.23 -16.85
CA GLU E 387 16.92 -5.06 -17.68
C GLU E 387 18.25 -4.34 -17.94
N ALA E 388 19.28 -5.10 -18.28
CA ALA E 388 20.60 -4.53 -18.52
C ALA E 388 20.86 -4.23 -19.98
N ASP E 389 20.35 -5.05 -20.89
CA ASP E 389 20.58 -4.87 -22.32
C ASP E 389 19.52 -3.97 -22.95
N GLU E 390 19.32 -2.80 -22.35
CA GLU E 390 18.36 -1.82 -22.86
C GLU E 390 18.93 -0.43 -22.72
N ARG E 391 18.90 0.34 -23.80
CA ARG E 391 19.41 1.70 -23.76
C ARG E 391 18.54 2.59 -22.88
N ASP E 392 17.23 2.39 -22.89
CA ASP E 392 16.29 3.17 -22.11
C ASP E 392 16.02 2.58 -20.74
N SER E 393 16.80 1.59 -20.32
CA SER E 393 16.61 0.97 -19.01
C SER E 393 16.78 2.00 -17.91
N GLN E 394 15.88 1.98 -16.94
CA GLN E 394 15.84 2.97 -15.88
C GLN E 394 16.71 2.59 -14.68
N PHE E 395 17.46 1.49 -14.77
CA PHE E 395 18.30 1.00 -13.68
C PHE E 395 19.76 1.13 -14.10
N PRO E 396 20.43 2.23 -13.73
CA PRO E 396 21.84 2.36 -14.10
C PRO E 396 22.75 1.35 -13.41
N SER E 397 22.43 0.95 -12.19
CA SER E 397 23.27 0.02 -11.44
C SER E 397 22.45 -0.62 -10.34
N ILE E 398 23.05 -1.64 -9.70
CA ILE E 398 22.40 -2.29 -8.57
C ILE E 398 22.20 -1.35 -7.39
N PRO E 399 23.20 -0.56 -6.96
CA PRO E 399 22.92 0.42 -5.89
C PRO E 399 21.84 1.41 -6.25
N ASP E 400 21.68 1.73 -7.54
CA ASP E 400 20.57 2.58 -7.95
C ASP E 400 19.25 1.82 -7.94
N ALA E 401 19.28 0.52 -8.21
CA ALA E 401 18.09 -0.31 -8.11
C ALA E 401 17.70 -0.60 -6.67
N PHE E 402 18.58 -0.31 -5.71
CA PHE E 402 18.21 -0.42 -4.30
C PHE E 402 16.98 0.42 -3.98
N TRP E 403 16.92 1.62 -4.56
CA TRP E 403 15.77 2.50 -4.33
C TRP E 403 14.48 1.88 -4.83
N TRP E 404 14.50 1.34 -6.06
CA TRP E 404 13.32 0.70 -6.60
C TRP E 404 12.92 -0.50 -5.76
N ALA E 405 13.91 -1.29 -5.31
CA ALA E 405 13.60 -2.44 -4.47
C ALA E 405 12.94 -2.02 -3.16
N VAL E 406 13.50 -1.01 -2.49
CA VAL E 406 12.94 -0.62 -1.19
C VAL E 406 11.55 -0.02 -1.36
N VAL E 407 11.30 0.71 -2.44
CA VAL E 407 9.96 1.28 -2.59
C VAL E 407 8.95 0.26 -3.10
N SER E 408 9.39 -0.81 -3.75
CA SER E 408 8.45 -1.82 -4.23
C SER E 408 8.12 -2.83 -3.14
N MET E 409 9.09 -3.21 -2.31
CA MET E 409 8.80 -4.14 -1.22
C MET E 409 7.85 -3.54 -0.20
N THR E 410 7.92 -2.22 0.00
CA THR E 410 7.06 -1.54 0.96
C THR E 410 5.75 -1.07 0.35
N THR E 411 5.49 -1.41 -0.92
CA THR E 411 4.27 -1.02 -1.64
C THR E 411 4.11 0.49 -1.71
N VAL E 412 5.22 1.23 -1.67
CA VAL E 412 5.15 2.68 -1.87
C VAL E 412 5.05 2.99 -3.36
N GLY E 413 5.96 2.44 -4.16
CA GLY E 413 5.90 2.55 -5.60
C GLY E 413 5.81 3.97 -6.12
N TYR E 414 6.88 4.75 -5.95
CA TYR E 414 6.85 6.13 -6.41
C TYR E 414 6.75 6.24 -7.92
N GLY E 415 7.13 5.19 -8.66
CA GLY E 415 7.07 5.21 -10.10
C GLY E 415 8.23 5.89 -10.79
N ASP E 416 9.19 6.43 -10.03
CA ASP E 416 10.38 7.03 -10.65
C ASP E 416 11.20 5.97 -11.38
N MET E 417 11.35 4.79 -10.78
CA MET E 417 12.09 3.69 -11.37
C MET E 417 11.10 2.55 -11.60
N VAL E 418 10.99 2.10 -12.84
CA VAL E 418 10.00 1.09 -13.21
C VAL E 418 10.61 0.12 -14.22
N PRO E 419 10.45 -1.19 -14.03
CA PRO E 419 10.98 -2.14 -15.01
C PRO E 419 10.25 -2.04 -16.34
N THR E 420 10.97 -2.39 -17.40
CA THR E 420 10.44 -2.28 -18.75
C THR E 420 10.37 -3.61 -19.50
N THR E 421 11.37 -4.47 -19.35
CA THR E 421 11.37 -5.75 -20.04
C THR E 421 10.52 -6.77 -19.28
N ILE E 422 10.17 -7.85 -19.98
CA ILE E 422 9.31 -8.88 -19.40
C ILE E 422 9.95 -9.50 -18.17
N GLY E 423 11.24 -9.82 -18.26
CA GLY E 423 11.96 -10.30 -17.09
C GLY E 423 11.94 -9.30 -15.95
N GLY E 424 12.09 -8.01 -16.29
CA GLY E 424 11.98 -6.97 -15.27
C GLY E 424 10.61 -6.93 -14.62
N LYS E 425 9.55 -7.13 -15.42
CA LYS E 425 8.20 -7.13 -14.86
C LYS E 425 7.99 -8.32 -13.92
N ILE E 426 8.47 -9.50 -14.31
CA ILE E 426 8.36 -10.67 -13.43
C ILE E 426 9.13 -10.44 -12.15
N VAL E 427 10.35 -9.90 -12.27
CA VAL E 427 11.16 -9.61 -11.10
C VAL E 427 10.46 -8.60 -10.18
N GLY E 428 9.82 -7.59 -10.77
CA GLY E 428 9.12 -6.61 -9.97
C GLY E 428 7.92 -7.18 -9.24
N SER E 429 7.16 -8.05 -9.90
CA SER E 429 6.04 -8.70 -9.23
C SER E 429 6.51 -9.57 -8.07
N LEU E 430 7.58 -10.34 -8.30
CA LEU E 430 8.13 -11.14 -7.21
C LEU E 430 8.64 -10.26 -6.08
N CYS E 431 9.26 -9.13 -6.42
CA CYS E 431 9.76 -8.20 -5.41
C CYS E 431 8.62 -7.67 -4.56
N ALA E 432 7.52 -7.27 -5.20
CA ALA E 432 6.38 -6.73 -4.45
C ALA E 432 5.80 -7.78 -3.52
N ILE E 433 5.60 -9.00 -4.03
CA ILE E 433 4.99 -10.05 -3.20
C ILE E 433 5.89 -10.38 -2.02
N ALA E 434 7.20 -10.55 -2.28
CA ALA E 434 8.12 -10.91 -1.22
C ALA E 434 8.28 -9.78 -0.22
N GLY E 435 8.20 -8.53 -0.67
CA GLY E 435 8.26 -7.42 0.27
C GLY E 435 7.05 -7.37 1.18
N VAL E 436 5.85 -7.60 0.62
CA VAL E 436 4.65 -7.67 1.45
C VAL E 436 4.82 -8.75 2.52
N LEU E 437 5.27 -9.94 2.11
CA LEU E 437 5.45 -11.03 3.06
C LEU E 437 6.50 -10.69 4.12
N THR E 438 7.63 -10.13 3.68
CA THR E 438 8.73 -9.82 4.59
C THR E 438 8.32 -8.79 5.63
N ILE E 439 7.63 -7.73 5.21
CA ILE E 439 7.17 -6.74 6.18
C ILE E 439 6.11 -7.32 7.08
N ALA E 440 5.23 -8.17 6.54
CA ALA E 440 4.18 -8.77 7.36
C ALA E 440 4.71 -9.76 8.37
N LEU E 441 5.95 -10.23 8.23
CA LEU E 441 6.40 -11.22 9.21
C LEU E 441 6.66 -10.64 10.61
N PRO E 442 7.54 -9.65 10.81
CA PRO E 442 7.80 -9.18 12.19
C PRO E 442 6.72 -8.27 12.77
N VAL E 443 5.84 -7.73 11.93
CA VAL E 443 4.88 -6.73 12.39
C VAL E 443 3.93 -7.29 13.44
N PRO E 444 3.38 -8.51 13.32
CA PRO E 444 2.55 -9.04 14.42
C PRO E 444 3.29 -9.15 15.74
N VAL E 445 4.56 -9.52 15.73
CA VAL E 445 5.31 -9.60 16.98
C VAL E 445 5.46 -8.20 17.59
N ILE E 446 5.82 -7.22 16.76
CA ILE E 446 5.95 -5.85 17.27
C ILE E 446 4.61 -5.34 17.80
N VAL E 447 3.52 -5.69 17.11
CA VAL E 447 2.19 -5.23 17.52
C VAL E 447 1.78 -5.88 18.83
N SER E 448 2.10 -7.17 19.01
CA SER E 448 1.81 -7.83 20.27
C SER E 448 2.59 -7.19 21.40
N ASN E 449 3.85 -6.84 21.16
CA ASN E 449 4.64 -6.14 22.18
C ASN E 449 4.00 -4.80 22.53
N PHE E 450 3.59 -4.04 21.51
CA PHE E 450 2.95 -2.74 21.75
C PHE E 450 1.65 -2.91 22.53
N ASN E 451 0.86 -3.93 22.19
CA ASN E 451 -0.41 -4.15 22.86
C ASN E 451 -0.20 -4.52 24.33
N TYR E 452 0.79 -5.37 24.60
CA TYR E 452 1.10 -5.71 25.97
C TYR E 452 1.54 -4.49 26.76
N PHE E 453 2.38 -3.64 26.16
CA PHE E 453 2.81 -2.43 26.86
C PHE E 453 1.70 -1.39 26.96
N TYR E 454 0.71 -1.44 26.08
CA TYR E 454 -0.36 -0.45 26.06
C TYR E 454 -1.44 -0.77 27.08
N HIS E 455 -1.89 -2.02 27.11
CA HIS E 455 -2.92 -2.41 28.07
C HIS E 455 -2.37 -2.65 29.48
N ARG E 456 -1.03 -2.63 29.63
CA ARG E 456 -0.44 -2.77 30.97
C ARG E 456 -0.79 -1.58 31.85
N GLU E 457 -0.83 -0.37 31.28
CA GLU E 457 -1.08 0.82 32.07
C GLU E 457 -2.46 0.79 32.71
N THR E 458 -3.48 0.38 31.95
CA THR E 458 -4.83 0.28 32.47
C THR E 458 -5.03 -1.01 33.26
K K F . 2.90 5.83 -7.33
K K G . 1.33 2.51 -3.35
#